data_3EKG
#
_entry.id   3EKG
#
_cell.length_a   119.326
_cell.length_b   119.326
_cell.length_c   116.696
_cell.angle_alpha   90.00
_cell.angle_beta   90.00
_cell.angle_gamma   90.00
#
_symmetry.space_group_name_H-M   'I 4'
#
loop_
_entity.id
_entity.type
_entity.pdbx_description
1 polymer 'Mandelate racemase/muconate lactonizing enzyme'
2 non-polymer 'L(+)-TARTARIC ACID'
3 non-polymer 'MAGNESIUM ION'
4 water water
#
_entity_poly.entity_id   1
_entity_poly.type   'polypeptide(L)'
_entity_poly.pdbx_seq_one_letter_code
;(MSE)SLSIPTIKQVRAFVLRGGGADYHDQGDGHWIDDHISTP(MSE)GKYPEYRQSRRSFGINVLGTLVVEIEASDGNV
GFAVTTGGEPAAYIVEKHLARFLEGARVTDIERIWDQ(MSE)YNSTLYYGRKGLVINTISGVDLALWDLLGKVRREPVHQ
LLGGAVRDELQFYATGARPDLAQK(MSE)GFIGGK(MSE)PLHHGPSEGEEGLKKNLEELAT(MSE)RERVGPDFWL
(MSE)FDCW(MSE)SLDLNYATRLARGAREYGLKWIEEALPPDDYWGYAELRRNAPTG(MSE)(MSE)VTTGEHEATRWG
FR(MSE)LLE(MSE)GCCDIIQPDVGWCGGVTELLKISALADAHNALVVPHGSSVYSYHFVATRQNSPFAEFL(MSE)
(MSE)APKADQVVP(MSE)FHPQLLGEPVPENGR(MSE)RLSRLDQPGFGVTLNPECQLHRPYTHEGHHHHHH
;
_entity_poly.pdbx_strand_id   A,B
#
loop_
_chem_comp.id
_chem_comp.type
_chem_comp.name
_chem_comp.formula
MG non-polymer 'MAGNESIUM ION' 'Mg 2'
TLA non-polymer 'L(+)-TARTARIC ACID' 'C4 H6 O6'
#
# COMPACT_ATOMS: atom_id res chain seq x y z
N SER A 2 6.81 34.03 -24.38
CA SER A 2 6.50 33.35 -23.08
C SER A 2 7.76 32.83 -22.42
N LEU A 3 7.67 32.62 -21.11
CA LEU A 3 8.81 32.11 -20.33
C LEU A 3 9.33 30.79 -20.89
N SER A 4 10.66 30.64 -20.90
CA SER A 4 11.28 29.42 -21.38
C SER A 4 11.30 28.42 -20.23
N ILE A 5 10.50 27.37 -20.35
CA ILE A 5 10.41 26.35 -19.31
C ILE A 5 11.52 25.30 -19.43
N PRO A 6 12.29 25.11 -18.36
CA PRO A 6 13.37 24.13 -18.40
C PRO A 6 12.87 22.69 -18.31
N THR A 7 13.73 21.75 -18.67
CA THR A 7 13.38 20.34 -18.60
C THR A 7 14.11 19.74 -17.39
N ILE A 8 13.72 18.53 -17.02
CA ILE A 8 14.35 17.87 -15.89
C ILE A 8 15.57 17.08 -16.36
N LYS A 9 16.73 17.42 -15.78
CA LYS A 9 17.98 16.76 -16.14
C LYS A 9 18.18 15.44 -15.40
N GLN A 10 18.01 15.45 -14.09
CA GLN A 10 18.20 14.24 -13.32
C GLN A 10 17.46 14.25 -11.99
N VAL A 11 17.03 13.08 -11.56
CA VAL A 11 16.37 12.95 -10.27
C VAL A 11 17.30 12.09 -9.42
N ARG A 12 17.45 12.46 -8.16
CA ARG A 12 18.31 11.72 -7.23
C ARG A 12 17.60 11.48 -5.91
N ALA A 13 17.84 10.30 -5.34
CA ALA A 13 17.24 9.94 -4.06
C ALA A 13 18.34 9.72 -3.02
N PHE A 14 18.17 10.32 -1.85
CA PHE A 14 19.13 10.18 -0.76
C PHE A 14 18.41 9.71 0.50
N VAL A 15 19.18 9.20 1.46
CA VAL A 15 18.62 8.75 2.72
C VAL A 15 19.29 9.50 3.87
N LEU A 16 18.47 9.94 4.82
CA LEU A 16 18.97 10.66 5.98
C LEU A 16 18.36 10.03 7.23
N ARG A 17 19.14 9.97 8.31
CA ARG A 17 18.66 9.37 9.55
C ARG A 17 18.76 10.35 10.72
N GLY A 18 17.85 10.23 11.68
CA GLY A 18 17.87 11.10 12.84
C GLY A 18 16.92 12.28 12.74
N GLY A 19 15.70 12.11 13.28
CA GLY A 19 14.73 13.18 13.23
C GLY A 19 14.34 13.54 11.81
N GLY A 20 14.03 14.81 11.57
CA GLY A 20 13.65 15.24 10.23
C GLY A 20 12.24 14.83 9.85
N ALA A 21 12.04 14.58 8.57
CA ALA A 21 10.72 14.19 8.04
C ALA A 21 10.13 12.98 8.75
N ASP A 22 10.96 11.98 9.05
CA ASP A 22 10.46 10.81 9.74
C ASP A 22 10.37 11.15 11.22
N TYR A 23 9.23 11.69 11.62
CA TYR A 23 8.94 12.13 12.97
C TYR A 23 9.36 11.16 14.07
N HIS A 24 9.20 9.86 13.81
CA HIS A 24 9.52 8.84 14.80
C HIS A 24 10.95 8.31 14.80
N ASP A 25 11.79 8.87 13.95
CA ASP A 25 13.18 8.44 13.90
C ASP A 25 13.95 9.22 14.96
N GLN A 26 13.57 8.99 16.21
CA GLN A 26 14.17 9.68 17.35
C GLN A 26 15.04 8.80 18.23
N GLY A 27 15.66 9.43 19.23
CA GLY A 27 16.50 8.72 20.18
C GLY A 27 15.71 8.47 21.44
N ASP A 28 16.40 8.26 22.56
CA ASP A 28 15.72 8.00 23.84
C ASP A 28 15.20 9.26 24.54
N GLY A 29 14.26 9.05 25.46
CA GLY A 29 13.70 10.14 26.24
C GLY A 29 12.74 11.11 25.58
N HIS A 30 12.17 10.73 24.45
CA HIS A 30 11.25 11.63 23.73
C HIS A 30 9.78 11.28 24.01
N TRP A 31 8.96 12.30 24.25
CA TRP A 31 7.53 12.04 24.52
C TRP A 31 6.88 11.25 23.39
N ILE A 32 7.36 11.47 22.17
CA ILE A 32 6.77 10.81 21.01
C ILE A 32 6.98 9.30 21.00
N ASP A 33 7.77 8.78 21.94
CA ASP A 33 8.00 7.34 22.01
C ASP A 33 7.75 6.87 23.45
N ASP A 34 7.04 7.71 24.21
CA ASP A 34 6.76 7.40 25.60
C ASP A 34 5.42 6.73 25.88
N HIS A 35 5.41 5.40 25.74
CA HIS A 35 4.22 4.60 25.99
C HIS A 35 3.00 5.03 25.20
N ILE A 36 3.20 5.35 23.93
CA ILE A 36 2.12 5.76 23.05
C ILE A 36 1.25 4.53 22.73
N SER A 37 -0.06 4.66 22.86
CA SER A 37 -0.96 3.54 22.55
C SER A 37 -0.97 3.27 21.05
N THR A 38 -0.75 2.01 20.68
CA THR A 38 -0.73 1.61 19.27
C THR A 38 -1.37 0.23 19.12
N PRO A 39 -1.56 -0.23 17.87
CA PRO A 39 -2.17 -1.55 17.63
C PRO A 39 -1.30 -2.66 18.21
N MSE A 40 -0.04 -2.36 18.49
CA MSE A 40 0.88 -3.36 19.06
C MSE A 40 0.88 -3.36 20.59
O MSE A 40 1.52 -4.19 21.22
CB MSE A 40 2.30 -3.13 18.55
CG MSE A 40 2.53 -3.50 17.09
SE MSE A 40 2.41 -5.42 16.81
CE MSE A 40 4.11 -5.90 17.58
N GLY A 41 0.15 -2.41 21.18
CA GLY A 41 0.10 -2.30 22.63
C GLY A 41 -0.45 -3.52 23.35
N LYS A 42 -1.18 -4.37 22.63
CA LYS A 42 -1.74 -5.57 23.24
C LYS A 42 -0.65 -6.58 23.61
N TYR A 43 0.56 -6.30 23.16
CA TYR A 43 1.73 -7.14 23.46
C TYR A 43 2.58 -6.32 24.41
N PRO A 44 2.65 -6.72 25.68
CA PRO A 44 3.45 -5.97 26.66
C PRO A 44 4.87 -5.62 26.19
N GLU A 45 5.48 -6.53 25.45
CA GLU A 45 6.85 -6.35 24.96
C GLU A 45 7.01 -5.16 24.01
N TYR A 46 5.93 -4.79 23.33
CA TYR A 46 5.97 -3.69 22.37
C TYR A 46 5.11 -2.51 22.78
N ARG A 47 4.74 -2.44 24.05
CA ARG A 47 3.87 -1.38 24.56
C ARG A 47 4.57 -0.07 24.96
N GLN A 48 5.74 -0.16 25.58
CA GLN A 48 6.43 1.04 26.02
C GLN A 48 7.02 1.91 24.92
N SER A 49 7.56 1.28 23.89
CA SER A 49 8.20 2.00 22.80
C SER A 49 7.74 1.61 21.41
N ARG A 50 7.37 2.59 20.58
CA ARG A 50 6.94 2.32 19.22
C ARG A 50 8.17 1.92 18.41
N ARG A 51 9.33 2.39 18.83
CA ARG A 51 10.56 2.06 18.14
C ARG A 51 10.84 0.56 18.26
N SER A 52 10.37 -0.05 19.36
CA SER A 52 10.60 -1.48 19.58
C SER A 52 9.94 -2.32 18.49
N PHE A 53 8.81 -1.87 17.94
CA PHE A 53 8.20 -2.65 16.87
C PHE A 53 8.62 -2.14 15.49
N GLY A 54 9.54 -1.18 15.46
CA GLY A 54 10.07 -0.68 14.21
C GLY A 54 9.43 0.52 13.53
N ILE A 55 8.90 1.46 14.31
CA ILE A 55 8.27 2.64 13.73
C ILE A 55 9.34 3.54 13.11
N ASN A 56 10.59 3.26 13.45
CA ASN A 56 11.73 4.05 12.99
C ASN A 56 12.67 3.29 12.06
N VAL A 57 12.16 2.28 11.37
CA VAL A 57 13.01 1.47 10.50
C VAL A 57 13.34 2.07 9.12
N LEU A 58 12.51 3.00 8.66
CA LEU A 58 12.71 3.61 7.34
C LEU A 58 13.62 4.84 7.30
N GLY A 59 13.31 5.83 8.12
CA GLY A 59 14.11 7.03 8.10
C GLY A 59 13.59 7.97 7.04
N THR A 60 14.40 8.97 6.68
CA THR A 60 14.00 9.97 5.69
C THR A 60 14.47 9.78 4.26
N LEU A 61 13.54 10.02 3.33
CA LEU A 61 13.83 9.95 1.90
C LEU A 61 14.00 11.39 1.44
N VAL A 62 15.12 11.67 0.78
CA VAL A 62 15.37 13.01 0.24
C VAL A 62 15.36 12.89 -1.27
N VAL A 63 14.53 13.69 -1.92
CA VAL A 63 14.47 13.65 -3.38
C VAL A 63 14.93 14.99 -3.91
N GLU A 64 15.86 14.95 -4.87
CA GLU A 64 16.36 16.16 -5.51
C GLU A 64 16.04 16.06 -7.00
N ILE A 65 15.63 17.18 -7.59
CA ILE A 65 15.32 17.20 -9.00
C ILE A 65 16.04 18.38 -9.63
N GLU A 66 17.04 18.09 -10.45
CA GLU A 66 17.83 19.12 -11.12
C GLU A 66 17.27 19.42 -12.50
N ALA A 67 17.09 20.70 -12.80
CA ALA A 67 16.56 21.13 -14.09
C ALA A 67 17.67 21.64 -15.00
N SER A 68 17.35 21.77 -16.28
CA SER A 68 18.31 22.22 -17.29
C SER A 68 18.80 23.65 -17.09
N ASP A 69 18.11 24.43 -16.25
CA ASP A 69 18.51 25.80 -16.01
C ASP A 69 19.35 25.92 -14.75
N GLY A 70 19.67 24.78 -14.14
CA GLY A 70 20.49 24.79 -12.94
C GLY A 70 19.70 24.75 -11.64
N ASN A 71 18.41 25.07 -11.71
CA ASN A 71 17.57 25.04 -10.51
C ASN A 71 17.44 23.62 -10.00
N VAL A 72 17.39 23.48 -8.69
CA VAL A 72 17.25 22.17 -8.08
C VAL A 72 16.19 22.21 -7.00
N GLY A 73 15.14 21.42 -7.18
CA GLY A 73 14.08 21.35 -6.19
C GLY A 73 14.30 20.11 -5.35
N PHE A 74 13.82 20.10 -4.12
CA PHE A 74 13.97 18.93 -3.27
C PHE A 74 12.86 18.88 -2.25
N ALA A 75 12.75 17.73 -1.59
CA ALA A 75 11.74 17.55 -0.56
C ALA A 75 12.16 16.40 0.32
N VAL A 76 11.57 16.33 1.51
CA VAL A 76 11.86 15.25 2.44
C VAL A 76 10.55 14.63 2.91
N THR A 77 10.57 13.32 3.11
CA THR A 77 9.40 12.61 3.60
C THR A 77 9.92 11.32 4.22
N THR A 78 9.00 10.43 4.59
CA THR A 78 9.37 9.15 5.21
C THR A 78 9.46 8.04 4.17
N GLY A 79 10.56 7.30 4.16
CA GLY A 79 10.71 6.22 3.19
C GLY A 79 12.08 5.56 3.18
N GLY A 80 13.13 6.35 3.36
CA GLY A 80 14.48 5.79 3.38
C GLY A 80 14.95 5.02 2.16
N GLU A 81 15.81 4.03 2.41
CA GLU A 81 16.40 3.23 1.35
C GLU A 81 15.42 2.52 0.41
N PRO A 82 14.39 1.84 0.94
CA PRO A 82 13.47 1.18 0.01
C PRO A 82 12.77 2.18 -0.91
N ALA A 83 12.48 3.37 -0.39
CA ALA A 83 11.86 4.41 -1.20
C ALA A 83 12.86 4.92 -2.23
N ALA A 84 14.12 5.07 -1.84
CA ALA A 84 15.15 5.55 -2.76
C ALA A 84 15.27 4.58 -3.95
N TYR A 85 15.13 3.29 -3.67
CA TYR A 85 15.21 2.27 -4.71
C TYR A 85 14.12 2.53 -5.74
N ILE A 86 12.92 2.77 -5.25
CA ILE A 86 11.77 3.02 -6.12
C ILE A 86 11.98 4.29 -6.95
N VAL A 87 12.49 5.34 -6.31
CA VAL A 87 12.72 6.59 -7.02
C VAL A 87 13.75 6.44 -8.14
N GLU A 88 14.91 5.91 -7.82
CA GLU A 88 16.00 5.74 -8.77
C GLU A 88 15.76 4.70 -9.85
N LYS A 89 15.31 3.52 -9.45
CA LYS A 89 15.09 2.43 -10.39
C LYS A 89 13.79 2.46 -11.18
N HIS A 90 12.75 3.10 -10.63
CA HIS A 90 11.46 3.11 -11.31
C HIS A 90 10.92 4.46 -11.75
N LEU A 91 10.73 5.36 -10.79
CA LEU A 91 10.14 6.66 -11.10
C LEU A 91 10.94 7.65 -11.95
N ALA A 92 12.26 7.62 -11.81
CA ALA A 92 13.12 8.55 -12.55
C ALA A 92 12.80 8.68 -14.03
N ARG A 93 12.48 7.56 -14.68
CA ARG A 93 12.18 7.54 -16.10
C ARG A 93 11.03 8.43 -16.57
N PHE A 94 10.07 8.70 -15.68
CA PHE A 94 8.93 9.52 -16.05
C PHE A 94 9.22 11.01 -15.92
N LEU A 95 10.27 11.34 -15.18
CA LEU A 95 10.62 12.75 -14.98
C LEU A 95 11.73 13.29 -15.88
N GLU A 96 12.81 12.53 -15.99
CA GLU A 96 13.95 12.98 -16.79
C GLU A 96 13.61 13.23 -18.25
N GLY A 97 13.80 14.47 -18.68
CA GLY A 97 13.49 14.85 -20.05
C GLY A 97 12.20 15.64 -20.14
N ALA A 98 11.38 15.56 -19.09
CA ALA A 98 10.10 16.26 -19.08
C ALA A 98 10.27 17.74 -18.73
N ARG A 99 9.31 18.55 -19.15
CA ARG A 99 9.34 19.96 -18.83
C ARG A 99 8.93 20.05 -17.36
N VAL A 100 9.49 20.99 -16.62
CA VAL A 100 9.17 21.08 -15.20
C VAL A 100 7.70 21.35 -14.90
N THR A 101 6.95 21.81 -15.90
CA THR A 101 5.54 22.11 -15.70
C THR A 101 4.60 20.92 -15.95
N ASP A 102 5.15 19.79 -16.39
CA ASP A 102 4.37 18.59 -16.65
C ASP A 102 3.99 17.85 -15.37
N ILE A 103 3.52 18.58 -14.36
CA ILE A 103 3.18 17.98 -13.07
C ILE A 103 2.06 16.93 -13.08
N GLU A 104 0.92 17.27 -13.67
CA GLU A 104 -0.20 16.33 -13.74
C GLU A 104 0.15 15.06 -14.50
N ARG A 105 0.88 15.19 -15.61
CA ARG A 105 1.24 14.03 -16.41
C ARG A 105 2.23 13.14 -15.66
N ILE A 106 3.23 13.75 -15.04
CA ILE A 106 4.20 12.98 -14.29
C ILE A 106 3.55 12.21 -13.13
N TRP A 107 2.62 12.86 -12.42
CA TRP A 107 1.96 12.20 -11.30
C TRP A 107 1.20 10.97 -11.78
N ASP A 108 0.41 11.15 -12.82
CA ASP A 108 -0.38 10.07 -13.40
C ASP A 108 0.50 8.89 -13.82
N GLN A 109 1.65 9.19 -14.42
CA GLN A 109 2.52 8.10 -14.83
C GLN A 109 3.15 7.39 -13.63
N MSE A 110 3.49 8.13 -12.59
CA MSE A 110 4.07 7.51 -11.41
C MSE A 110 3.06 6.59 -10.74
O MSE A 110 3.38 5.47 -10.36
CB MSE A 110 4.54 8.55 -10.39
CG MSE A 110 5.70 9.43 -10.85
SE MSE A 110 6.56 10.35 -9.35
CE MSE A 110 5.22 11.72 -9.03
N TYR A 111 1.82 7.07 -10.60
CA TYR A 111 0.79 6.29 -9.96
C TYR A 111 0.36 5.07 -10.78
N ASN A 112 0.09 5.28 -12.05
CA ASN A 112 -0.34 4.16 -12.88
C ASN A 112 0.73 3.13 -13.17
N SER A 113 1.99 3.54 -13.10
CA SER A 113 3.09 2.60 -13.34
C SER A 113 3.44 1.79 -12.10
N THR A 114 3.02 2.25 -10.93
CA THR A 114 3.30 1.55 -9.68
C THR A 114 2.08 0.88 -9.07
N LEU A 115 0.94 1.01 -9.74
CA LEU A 115 -0.30 0.43 -9.23
C LEU A 115 -0.16 -1.02 -8.82
N TYR A 116 0.57 -1.80 -9.62
CA TYR A 116 0.72 -3.23 -9.33
C TYR A 116 1.38 -3.56 -7.99
N TYR A 117 2.00 -2.57 -7.35
CA TYR A 117 2.60 -2.82 -6.04
C TYR A 117 2.44 -1.60 -5.13
N GLY A 118 1.50 -0.72 -5.49
CA GLY A 118 1.29 0.49 -4.71
C GLY A 118 -0.07 0.71 -4.09
N ARG A 119 -0.82 1.69 -4.61
CA ARG A 119 -2.15 2.05 -4.12
C ARG A 119 -2.11 2.81 -2.80
N LYS A 120 -1.37 2.27 -1.83
CA LYS A 120 -1.26 2.90 -0.53
C LYS A 120 0.11 2.57 0.07
N GLY A 121 0.39 3.10 1.25
CA GLY A 121 1.65 2.81 1.90
C GLY A 121 2.92 3.41 1.31
N LEU A 122 4.03 2.72 1.53
CA LEU A 122 5.36 3.15 1.09
C LEU A 122 5.47 3.71 -0.33
N VAL A 123 4.85 3.05 -1.31
CA VAL A 123 4.93 3.50 -2.69
C VAL A 123 4.33 4.90 -2.86
N ILE A 124 3.24 5.17 -2.15
CA ILE A 124 2.61 6.49 -2.24
C ILE A 124 3.46 7.54 -1.53
N ASN A 125 4.13 7.14 -0.46
CA ASN A 125 5.01 8.04 0.27
C ASN A 125 6.08 8.49 -0.73
N THR A 126 6.59 7.52 -1.47
CA THR A 126 7.64 7.79 -2.45
C THR A 126 7.17 8.75 -3.54
N ILE A 127 6.00 8.46 -4.10
CA ILE A 127 5.44 9.32 -5.14
C ILE A 127 5.24 10.72 -4.59
N SER A 128 4.79 10.80 -3.33
CA SER A 128 4.56 12.09 -2.68
C SER A 128 5.84 12.90 -2.57
N GLY A 129 6.94 12.24 -2.21
CA GLY A 129 8.21 12.94 -2.06
C GLY A 129 8.68 13.53 -3.38
N VAL A 130 8.53 12.76 -4.45
CA VAL A 130 8.93 13.22 -5.77
C VAL A 130 8.05 14.40 -6.17
N ASP A 131 6.76 14.27 -5.92
CA ASP A 131 5.81 15.33 -6.26
C ASP A 131 6.16 16.61 -5.50
N LEU A 132 6.50 16.49 -4.22
CA LEU A 132 6.86 17.66 -3.44
C LEU A 132 8.11 18.32 -4.02
N ALA A 133 9.10 17.53 -4.42
CA ALA A 133 10.31 18.07 -4.99
C ALA A 133 10.01 18.79 -6.31
N LEU A 134 9.03 18.29 -7.05
CA LEU A 134 8.64 18.90 -8.31
C LEU A 134 8.02 20.27 -8.09
N TRP A 135 7.18 20.39 -7.06
CA TRP A 135 6.55 21.67 -6.75
C TRP A 135 7.59 22.65 -6.23
N ASP A 136 8.57 22.15 -5.49
CA ASP A 136 9.63 23.03 -4.97
C ASP A 136 10.39 23.58 -6.18
N LEU A 137 10.69 22.69 -7.12
CA LEU A 137 11.41 23.07 -8.33
C LEU A 137 10.64 24.08 -9.18
N LEU A 138 9.33 23.86 -9.33
CA LEU A 138 8.51 24.77 -10.12
C LEU A 138 8.48 26.14 -9.45
N GLY A 139 8.45 26.15 -8.13
CA GLY A 139 8.43 27.41 -7.41
C GLY A 139 9.74 28.14 -7.62
N LYS A 140 10.85 27.40 -7.63
CA LYS A 140 12.15 28.02 -7.83
C LYS A 140 12.29 28.55 -9.26
N VAL A 141 11.72 27.83 -10.23
CA VAL A 141 11.78 28.26 -11.62
C VAL A 141 10.95 29.54 -11.80
N ARG A 142 9.79 29.57 -11.16
CA ARG A 142 8.88 30.71 -11.21
C ARG A 142 9.31 31.84 -10.27
N ARG A 143 10.25 31.52 -9.37
CA ARG A 143 10.74 32.47 -8.38
C ARG A 143 9.60 32.95 -7.48
N GLU A 144 8.74 32.01 -7.08
CA GLU A 144 7.60 32.33 -6.22
C GLU A 144 7.38 31.24 -5.18
N PRO A 145 6.84 31.61 -4.01
CA PRO A 145 6.57 30.62 -2.97
C PRO A 145 5.44 29.71 -3.45
N VAL A 146 5.46 28.45 -3.04
CA VAL A 146 4.46 27.50 -3.48
C VAL A 146 3.01 27.94 -3.25
N HIS A 147 2.72 28.65 -2.16
CA HIS A 147 1.34 29.06 -1.95
C HIS A 147 0.80 29.95 -3.08
N GLN A 148 1.68 30.67 -3.77
CA GLN A 148 1.23 31.51 -4.88
C GLN A 148 0.95 30.69 -6.14
N LEU A 149 1.47 29.46 -6.19
CA LEU A 149 1.24 28.58 -7.32
C LEU A 149 -0.03 27.76 -7.08
N LEU A 150 -0.48 27.76 -5.82
CA LEU A 150 -1.67 27.01 -5.46
C LEU A 150 -2.91 27.87 -5.22
N GLY A 151 -3.08 28.92 -6.03
CA GLY A 151 -4.24 29.78 -5.89
C GLY A 151 -4.11 30.95 -4.94
N GLY A 152 -2.98 31.05 -4.24
CA GLY A 152 -2.79 32.15 -3.32
C GLY A 152 -3.37 31.90 -1.94
N ALA A 153 -2.80 32.54 -0.93
CA ALA A 153 -3.28 32.39 0.44
C ALA A 153 -4.68 32.98 0.58
N VAL A 154 -5.48 32.40 1.47
CA VAL A 154 -6.83 32.89 1.73
C VAL A 154 -6.92 33.46 3.15
N ARG A 155 -5.78 33.48 3.82
CA ARG A 155 -5.67 34.02 5.18
C ARG A 155 -4.32 34.73 5.33
N ASP A 156 -4.26 35.72 6.21
CA ASP A 156 -3.02 36.48 6.42
C ASP A 156 -2.01 35.76 7.29
N GLU A 157 -2.45 34.75 8.01
CA GLU A 157 -1.56 33.99 8.88
C GLU A 157 -2.14 32.62 9.17
N LEU A 158 -1.27 31.69 9.55
CA LEU A 158 -1.71 30.36 9.91
C LEU A 158 -1.79 30.34 11.43
N GLN A 159 -2.77 29.62 11.97
CA GLN A 159 -2.89 29.48 13.42
C GLN A 159 -2.74 27.99 13.69
N PHE A 160 -1.94 27.64 14.70
CA PHE A 160 -1.67 26.25 15.00
C PHE A 160 -2.15 25.70 16.33
N TYR A 161 -2.43 24.41 16.35
CA TYR A 161 -2.75 23.73 17.59
C TYR A 161 -1.46 22.92 17.70
N ALA A 162 -1.06 22.57 18.92
CA ALA A 162 0.18 21.85 19.10
C ALA A 162 -0.03 20.41 19.53
N THR A 163 0.75 19.50 18.93
CA THR A 163 0.67 18.08 19.26
C THR A 163 1.85 17.65 20.12
N GLY A 164 1.54 17.07 21.28
CA GLY A 164 2.56 16.64 22.21
C GLY A 164 1.97 16.34 23.57
N ALA A 165 2.81 15.87 24.48
CA ALA A 165 2.37 15.50 25.83
C ALA A 165 2.15 16.67 26.78
N ARG A 166 2.33 17.90 26.32
CA ARG A 166 2.15 19.05 27.20
C ARG A 166 1.23 20.14 26.65
N PRO A 167 -0.07 19.84 26.52
CA PRO A 167 -0.98 20.86 26.00
C PRO A 167 -1.00 22.10 26.89
N ASP A 168 -0.69 21.92 28.18
CA ASP A 168 -0.67 23.07 29.09
C ASP A 168 0.43 24.04 28.69
N LEU A 169 1.61 23.51 28.35
CA LEU A 169 2.73 24.36 27.95
C LEU A 169 2.46 24.98 26.58
N ALA A 170 1.74 24.25 25.73
CA ALA A 170 1.41 24.74 24.41
C ALA A 170 0.53 25.98 24.53
N GLN A 171 -0.36 25.98 25.52
CA GLN A 171 -1.26 27.11 25.75
C GLN A 171 -0.43 28.36 26.07
N LYS A 172 0.58 28.19 26.90
CA LYS A 172 1.42 29.32 27.28
C LYS A 172 2.22 29.83 26.09
N MSE A 173 2.41 28.99 25.09
CA MSE A 173 3.18 29.40 23.91
C MSE A 173 2.30 29.91 22.76
O MSE A 173 2.75 29.99 21.62
CB MSE A 173 4.06 28.24 23.43
CG MSE A 173 5.18 27.94 24.42
SE MSE A 173 6.41 26.58 23.86
CE MSE A 173 5.63 25.09 24.80
N GLY A 174 1.06 30.27 23.09
CA GLY A 174 0.15 30.84 22.11
C GLY A 174 -0.62 29.96 21.15
N PHE A 175 -0.48 28.65 21.26
CA PHE A 175 -1.22 27.74 20.38
C PHE A 175 -2.71 27.79 20.70
N ILE A 176 -3.54 27.47 19.70
CA ILE A 176 -5.00 27.50 19.88
C ILE A 176 -5.54 26.24 20.52
N GLY A 177 -4.73 25.19 20.57
CA GLY A 177 -5.17 23.95 21.16
C GLY A 177 -4.01 23.01 21.39
N GLY A 178 -4.29 21.92 22.09
CA GLY A 178 -3.27 20.94 22.37
C GLY A 178 -3.80 19.52 22.19
N LYS A 179 -3.21 18.80 21.24
CA LYS A 179 -3.61 17.41 21.00
C LYS A 179 -2.60 16.53 21.72
N MSE A 180 -3.08 15.70 22.63
CA MSE A 180 -2.20 14.84 23.41
C MSE A 180 -2.30 13.38 22.99
O MSE A 180 -3.35 12.92 22.53
CB MSE A 180 -2.53 14.97 24.90
CG MSE A 180 -4.00 14.79 25.23
SE MSE A 180 -4.45 15.49 26.99
CE MSE A 180 -3.71 14.07 28.05
N PRO A 181 -1.19 12.63 23.10
CA PRO A 181 -1.17 11.22 22.73
C PRO A 181 -1.86 10.36 23.77
N LEU A 182 -2.65 9.38 23.31
CA LEU A 182 -3.32 8.47 24.23
C LEU A 182 -2.23 7.47 24.63
N HIS A 183 -2.13 7.19 25.93
CA HIS A 183 -1.11 6.28 26.42
C HIS A 183 -1.56 4.86 26.76
N HIS A 184 -2.88 4.64 26.80
CA HIS A 184 -3.38 3.32 27.16
C HIS A 184 -4.45 2.84 26.19
N GLY A 185 -4.31 1.59 25.76
CA GLY A 185 -5.25 1.01 24.82
C GLY A 185 -6.18 -0.02 25.46
N PRO A 186 -7.05 -0.64 24.66
CA PRO A 186 -8.00 -1.65 25.14
C PRO A 186 -7.45 -2.78 26.01
N SER A 187 -6.26 -3.28 25.68
CA SER A 187 -5.69 -4.39 26.45
C SER A 187 -5.38 -4.00 27.89
N GLU A 188 -5.32 -2.69 28.16
CA GLU A 188 -5.02 -2.22 29.50
C GLU A 188 -6.30 -2.05 30.34
N GLY A 189 -7.42 -2.45 29.75
CA GLY A 189 -8.71 -2.42 30.44
C GLY A 189 -9.21 -1.13 31.07
N GLU A 190 -10.04 -1.30 32.11
CA GLU A 190 -10.63 -0.18 32.83
C GLU A 190 -9.61 0.70 33.53
N GLU A 191 -8.53 0.09 34.02
CA GLU A 191 -7.51 0.86 34.70
C GLU A 191 -6.87 1.84 33.71
N GLY A 192 -6.63 1.36 32.49
CA GLY A 192 -6.04 2.19 31.47
C GLY A 192 -7.00 3.29 31.04
N LEU A 193 -8.28 2.96 30.95
CA LEU A 193 -9.27 3.95 30.56
C LEU A 193 -9.31 5.07 31.60
N LYS A 194 -9.30 4.69 32.86
CA LYS A 194 -9.32 5.69 33.93
C LYS A 194 -8.05 6.56 33.85
N LYS A 195 -6.92 5.95 33.56
CA LYS A 195 -5.67 6.71 33.44
C LYS A 195 -5.74 7.71 32.29
N ASN A 196 -6.32 7.28 31.17
CA ASN A 196 -6.46 8.16 30.01
C ASN A 196 -7.30 9.38 30.37
N LEU A 197 -8.43 9.15 31.03
CA LEU A 197 -9.31 10.23 31.41
C LEU A 197 -8.70 11.11 32.49
N GLU A 198 -7.85 10.53 33.34
CA GLU A 198 -7.21 11.29 34.39
C GLU A 198 -6.23 12.28 33.76
N GLU A 199 -5.51 11.84 32.73
CA GLU A 199 -4.55 12.71 32.06
C GLU A 199 -5.30 13.88 31.40
N LEU A 200 -6.45 13.59 30.79
CA LEU A 200 -7.24 14.62 30.14
C LEU A 200 -7.76 15.60 31.19
N ALA A 201 -8.27 15.05 32.29
CA ALA A 201 -8.80 15.87 33.38
C ALA A 201 -7.74 16.83 33.90
N THR A 202 -6.54 16.31 34.11
CA THR A 202 -5.44 17.12 34.62
C THR A 202 -5.15 18.28 33.66
N MSE A 203 -5.04 17.99 32.38
CA MSE A 203 -4.75 19.04 31.42
C MSE A 203 -5.89 20.05 31.31
O MSE A 203 -5.64 21.25 31.21
CB MSE A 203 -4.44 18.44 30.04
CG MSE A 203 -3.07 17.75 29.97
SE MSE A 203 -1.61 18.94 30.48
CE MSE A 203 -0.29 17.61 30.94
N ARG A 204 -7.13 19.59 31.35
CA ARG A 204 -8.28 20.49 31.27
C ARG A 204 -8.28 21.45 32.45
N GLU A 205 -7.89 20.94 33.63
CA GLU A 205 -7.85 21.77 34.82
C GLU A 205 -6.79 22.86 34.67
N ARG A 206 -5.67 22.52 34.05
CA ARG A 206 -4.59 23.48 33.86
C ARG A 206 -4.84 24.54 32.80
N VAL A 207 -5.53 24.17 31.73
CA VAL A 207 -5.77 25.11 30.63
C VAL A 207 -7.08 25.89 30.65
N GLY A 208 -8.01 25.51 31.51
CA GLY A 208 -9.28 26.21 31.56
C GLY A 208 -10.29 25.52 30.65
N PRO A 209 -11.55 25.97 30.65
CA PRO A 209 -12.62 25.38 29.84
C PRO A 209 -12.70 25.69 28.35
N ASP A 210 -11.95 26.69 27.88
CA ASP A 210 -12.03 27.06 26.45
C ASP A 210 -10.94 26.49 25.53
N PHE A 211 -9.71 26.42 26.03
CA PHE A 211 -8.58 25.90 25.25
C PHE A 211 -8.95 24.55 24.64
N TRP A 212 -8.66 24.37 23.36
CA TRP A 212 -8.97 23.11 22.69
C TRP A 212 -8.06 21.98 23.15
N LEU A 213 -8.65 20.82 23.46
CA LEU A 213 -7.90 19.64 23.84
C LEU A 213 -8.37 18.50 22.97
N MSE A 214 -7.43 17.69 22.48
CA MSE A 214 -7.77 16.57 21.62
C MSE A 214 -6.94 15.35 22.00
O MSE A 214 -5.91 15.47 22.66
CB MSE A 214 -7.50 16.91 20.15
CG MSE A 214 -8.09 18.23 19.69
SE MSE A 214 -7.01 19.77 20.17
CE MSE A 214 -6.89 20.59 18.42
N PHE A 215 -7.42 14.18 21.60
CA PHE A 215 -6.71 12.93 21.86
C PHE A 215 -6.34 12.29 20.54
N ASP A 216 -5.08 11.88 20.41
CA ASP A 216 -4.62 11.18 19.22
C ASP A 216 -4.47 9.74 19.71
N CYS A 217 -5.13 8.80 19.03
CA CYS A 217 -5.11 7.39 19.44
C CYS A 217 -4.28 6.45 18.56
N TRP A 218 -3.65 7.01 17.54
CA TRP A 218 -2.81 6.26 16.61
C TRP A 218 -3.28 4.84 16.25
N MSE A 219 -4.50 4.75 15.73
CA MSE A 219 -5.09 3.48 15.26
C MSE A 219 -5.21 2.38 16.30
O MSE A 219 -5.52 1.24 15.95
CB MSE A 219 -4.25 2.92 14.09
CG MSE A 219 -3.83 3.93 13.04
SE MSE A 219 -2.66 3.15 11.68
CE MSE A 219 -1.02 3.10 12.70
N SER A 220 -5.03 2.71 17.57
CA SER A 220 -5.00 1.71 18.63
C SER A 220 -6.24 1.19 19.33
N LEU A 221 -7.42 1.71 19.01
CA LEU A 221 -8.61 1.24 19.71
C LEU A 221 -9.52 0.33 18.91
N ASP A 222 -10.60 -0.10 19.56
CA ASP A 222 -11.63 -0.92 18.94
C ASP A 222 -12.88 -0.05 19.09
N LEU A 223 -13.94 -0.38 18.35
CA LEU A 223 -15.14 0.45 18.39
C LEU A 223 -15.72 0.71 19.78
N ASN A 224 -15.92 -0.33 20.57
CA ASN A 224 -16.49 -0.12 21.90
C ASN A 224 -15.60 0.73 22.80
N TYR A 225 -14.31 0.44 22.83
CA TYR A 225 -13.41 1.22 23.68
C TYR A 225 -13.39 2.69 23.26
N ALA A 226 -13.33 2.93 21.95
CA ALA A 226 -13.32 4.29 21.45
C ALA A 226 -14.62 5.00 21.82
N THR A 227 -15.72 4.25 21.73
CA THR A 227 -17.03 4.80 22.08
C THR A 227 -17.06 5.23 23.54
N ARG A 228 -16.55 4.37 24.42
CA ARG A 228 -16.51 4.66 25.85
C ARG A 228 -15.51 5.76 26.21
N LEU A 229 -14.39 5.80 25.49
CA LEU A 229 -13.38 6.83 25.75
C LEU A 229 -13.97 8.20 25.40
N ALA A 230 -14.62 8.28 24.24
CA ALA A 230 -15.23 9.53 23.80
C ALA A 230 -16.32 9.98 24.78
N ARG A 231 -17.15 9.06 25.24
CA ARG A 231 -18.21 9.42 26.17
C ARG A 231 -17.62 9.92 27.49
N GLY A 232 -16.59 9.24 27.97
CA GLY A 232 -15.95 9.64 29.21
C GLY A 232 -15.25 10.97 29.10
N ALA A 233 -14.80 11.31 27.89
CA ALA A 233 -14.08 12.56 27.66
C ALA A 233 -15.00 13.77 27.47
N ARG A 234 -16.29 13.52 27.31
CA ARG A 234 -17.24 14.62 27.12
C ARG A 234 -17.25 15.56 28.31
N GLU A 235 -17.11 14.99 29.50
CA GLU A 235 -17.09 15.76 30.74
C GLU A 235 -15.97 16.79 30.74
N TYR A 236 -14.95 16.55 29.92
CA TYR A 236 -13.80 17.45 29.82
C TYR A 236 -13.78 18.24 28.52
N GLY A 237 -14.90 18.23 27.81
CA GLY A 237 -15.03 18.97 26.57
C GLY A 237 -14.02 18.66 25.48
N LEU A 238 -13.65 17.38 25.36
CA LEU A 238 -12.69 17.01 24.32
C LEU A 238 -13.23 17.46 22.97
N LYS A 239 -12.40 18.14 22.19
CA LYS A 239 -12.81 18.64 20.88
C LYS A 239 -12.94 17.54 19.83
N TRP A 240 -11.95 16.65 19.79
CA TRP A 240 -12.02 15.55 18.84
C TRP A 240 -11.16 14.38 19.28
N ILE A 241 -11.50 13.20 18.77
CA ILE A 241 -10.76 11.97 19.04
C ILE A 241 -10.22 11.57 17.67
N GLU A 242 -8.90 11.45 17.58
CA GLU A 242 -8.22 11.15 16.32
C GLU A 242 -7.70 9.73 16.13
N GLU A 243 -7.88 9.24 14.90
CA GLU A 243 -7.45 7.91 14.50
C GLU A 243 -7.74 6.86 15.57
N ALA A 244 -8.99 6.79 16.00
CA ALA A 244 -9.37 5.82 17.01
C ALA A 244 -9.18 4.38 16.53
N LEU A 245 -9.43 4.16 15.25
CA LEU A 245 -9.36 2.82 14.67
C LEU A 245 -8.38 2.70 13.50
N PRO A 246 -8.00 1.46 13.14
CA PRO A 246 -7.08 1.23 12.03
C PRO A 246 -7.74 1.82 10.76
N PRO A 247 -6.92 2.36 9.84
CA PRO A 247 -7.37 2.97 8.59
C PRO A 247 -8.28 2.14 7.69
N ASP A 248 -8.12 0.83 7.75
CA ASP A 248 -8.94 -0.04 6.92
C ASP A 248 -10.35 -0.26 7.41
N ASP A 249 -10.64 0.16 8.64
CA ASP A 249 -11.97 -0.03 9.20
C ASP A 249 -12.93 1.14 8.92
N TYR A 250 -13.29 1.32 7.66
CA TYR A 250 -14.18 2.41 7.27
C TYR A 250 -15.52 2.28 7.99
N TRP A 251 -16.03 1.05 8.05
CA TRP A 251 -17.30 0.77 8.69
C TRP A 251 -17.30 1.16 10.16
N GLY A 252 -16.21 0.83 10.84
CA GLY A 252 -16.10 1.15 12.26
C GLY A 252 -16.09 2.65 12.51
N TYR A 253 -15.38 3.39 11.66
CA TYR A 253 -15.33 4.84 11.81
C TYR A 253 -16.73 5.45 11.68
N ALA A 254 -17.48 4.99 10.69
CA ALA A 254 -18.83 5.51 10.48
C ALA A 254 -19.69 5.26 11.72
N GLU A 255 -19.55 4.07 12.30
CA GLU A 255 -20.31 3.73 13.50
C GLU A 255 -19.86 4.60 14.68
N LEU A 256 -18.56 4.80 14.82
CA LEU A 256 -18.02 5.60 15.90
C LEU A 256 -18.51 7.03 15.80
N ARG A 257 -18.49 7.59 14.60
CA ARG A 257 -18.95 8.95 14.41
C ARG A 257 -20.42 9.09 14.78
N ARG A 258 -21.20 8.05 14.52
CA ARG A 258 -22.63 8.07 14.84
C ARG A 258 -22.86 7.98 16.35
N ASN A 259 -22.00 7.24 17.04
CA ASN A 259 -22.15 7.05 18.48
C ASN A 259 -21.37 8.06 19.32
N ALA A 260 -20.66 8.97 18.66
CA ALA A 260 -19.86 9.97 19.37
C ALA A 260 -20.73 11.04 20.03
N PRO A 261 -20.24 11.62 21.13
CA PRO A 261 -21.02 12.66 21.83
C PRO A 261 -21.36 13.80 20.87
N THR A 262 -22.60 14.26 20.91
CA THR A 262 -23.04 15.35 20.04
C THR A 262 -22.10 16.54 20.17
N GLY A 263 -21.52 16.97 19.05
CA GLY A 263 -20.62 18.11 19.08
C GLY A 263 -19.14 17.74 19.07
N MSE A 264 -18.82 16.53 19.54
CA MSE A 264 -17.44 16.07 19.55
C MSE A 264 -17.11 15.50 18.19
O MSE A 264 -17.90 14.75 17.62
CB MSE A 264 -17.23 15.00 20.63
CG MSE A 264 -15.79 14.55 20.76
SE MSE A 264 -15.55 13.18 22.09
CE MSE A 264 -16.01 14.20 23.65
N MSE A 265 -15.94 15.83 17.64
CA MSE A 265 -15.59 15.33 16.33
C MSE A 265 -14.73 14.08 16.32
O MSE A 265 -14.01 13.79 17.29
CB MSE A 265 -14.92 16.44 15.51
CG MSE A 265 -15.84 17.60 15.23
SE MSE A 265 -15.07 18.94 14.06
CE MSE A 265 -13.82 19.71 15.30
N VAL A 266 -14.83 13.34 15.22
CA VAL A 266 -14.05 12.12 14.98
C VAL A 266 -13.19 12.44 13.77
N THR A 267 -11.88 12.28 13.89
CA THR A 267 -10.98 12.59 12.79
C THR A 267 -10.08 11.40 12.45
N THR A 268 -9.56 11.40 11.23
CA THR A 268 -8.65 10.34 10.78
C THR A 268 -8.12 10.72 9.41
N GLY A 269 -7.23 9.90 8.88
CA GLY A 269 -6.73 10.16 7.54
C GLY A 269 -5.24 10.25 7.33
N GLU A 270 -4.45 10.39 8.37
CA GLU A 270 -3.02 10.49 8.16
C GLU A 270 -2.43 9.23 7.54
N HIS A 271 -3.13 8.10 7.70
CA HIS A 271 -2.66 6.85 7.11
C HIS A 271 -3.55 6.40 5.95
N GLU A 272 -4.17 7.37 5.29
CA GLU A 272 -5.03 7.11 4.14
C GLU A 272 -4.35 7.77 2.93
N ALA A 273 -4.58 7.25 1.73
CA ALA A 273 -3.95 7.81 0.54
C ALA A 273 -4.87 7.86 -0.69
N THR A 274 -4.61 8.86 -1.54
CA THR A 274 -5.32 9.14 -2.80
C THR A 274 -6.75 9.65 -2.69
N ARG A 275 -7.23 10.18 -3.81
CA ARG A 275 -8.56 10.74 -3.90
C ARG A 275 -9.61 9.65 -3.60
N TRP A 276 -9.30 8.41 -3.95
CA TRP A 276 -10.24 7.31 -3.74
C TRP A 276 -10.33 6.85 -2.29
N GLY A 277 -9.20 6.91 -1.59
CA GLY A 277 -9.22 6.53 -0.18
C GLY A 277 -10.04 7.54 0.59
N PHE A 278 -9.83 8.82 0.29
CA PHE A 278 -10.59 9.86 0.98
C PHE A 278 -12.04 9.95 0.53
N ARG A 279 -12.32 9.50 -0.68
CA ARG A 279 -13.70 9.50 -1.15
C ARG A 279 -14.46 8.48 -0.27
N MSE A 280 -13.83 7.35 0.00
CA MSE A 280 -14.47 6.33 0.83
C MSE A 280 -14.75 6.89 2.23
O MSE A 280 -15.83 6.71 2.78
CB MSE A 280 -13.59 5.08 0.93
CG MSE A 280 -14.30 3.87 1.54
SE MSE A 280 -15.74 3.20 0.42
CE MSE A 280 -14.68 2.15 -0.81
N LEU A 281 -13.77 7.59 2.80
CA LEU A 281 -13.95 8.15 4.14
C LEU A 281 -15.09 9.17 4.18
N LEU A 282 -15.15 10.04 3.17
CA LEU A 282 -16.17 11.07 3.14
C LEU A 282 -17.56 10.54 2.82
N GLU A 283 -17.66 9.69 1.81
CA GLU A 283 -18.95 9.15 1.42
C GLU A 283 -19.58 8.22 2.46
N MSE A 284 -18.75 7.51 3.21
CA MSE A 284 -19.26 6.61 4.24
C MSE A 284 -19.49 7.32 5.57
O MSE A 284 -19.95 6.71 6.54
CB MSE A 284 -18.32 5.43 4.41
CG MSE A 284 -18.43 4.40 3.29
SE MSE A 284 -17.39 2.82 3.61
CE MSE A 284 -18.36 2.12 5.12
N GLY A 285 -19.20 8.62 5.61
CA GLY A 285 -19.39 9.40 6.84
C GLY A 285 -18.51 8.92 7.97
N CYS A 286 -17.25 8.64 7.64
CA CYS A 286 -16.29 8.15 8.61
C CYS A 286 -15.70 9.16 9.57
N CYS A 287 -15.69 10.43 9.18
CA CYS A 287 -15.09 11.44 10.02
C CYS A 287 -15.58 12.85 9.74
N ASP A 288 -15.28 13.75 10.67
CA ASP A 288 -15.66 15.15 10.57
C ASP A 288 -14.50 15.97 10.00
N ILE A 289 -13.29 15.46 10.19
CA ILE A 289 -12.09 16.13 9.67
C ILE A 289 -11.18 15.08 9.06
N ILE A 290 -10.73 15.30 7.82
CA ILE A 290 -9.79 14.37 7.21
C ILE A 290 -8.41 14.98 7.40
N GLN A 291 -7.44 14.13 7.73
CA GLN A 291 -6.10 14.61 8.03
C GLN A 291 -4.99 13.98 7.21
N PRO A 292 -5.05 14.15 5.89
CA PRO A 292 -4.01 13.57 5.05
C PRO A 292 -2.65 14.22 5.32
N ASP A 293 -1.57 13.47 5.14
CA ASP A 293 -0.23 14.03 5.28
C ASP A 293 0.19 14.19 3.83
N VAL A 294 0.58 15.40 3.45
CA VAL A 294 0.97 15.69 2.07
C VAL A 294 2.13 14.83 1.58
N GLY A 295 2.98 14.38 2.49
CA GLY A 295 4.12 13.56 2.11
C GLY A 295 3.82 12.07 2.07
N TRP A 296 2.60 11.70 2.46
CA TRP A 296 2.19 10.30 2.47
C TRP A 296 0.95 10.01 1.62
N CYS A 297 0.11 11.02 1.40
CA CYS A 297 -1.15 10.83 0.67
C CYS A 297 -1.10 10.92 -0.85
N GLY A 298 0.05 11.32 -1.39
CA GLY A 298 0.17 11.46 -2.83
C GLY A 298 0.84 12.75 -3.25
N GLY A 299 1.15 13.61 -2.29
CA GLY A 299 1.80 14.87 -2.60
C GLY A 299 0.83 16.02 -2.79
N VAL A 300 1.35 17.18 -3.15
CA VAL A 300 0.51 18.35 -3.38
C VAL A 300 -0.48 18.13 -4.52
N THR A 301 -0.02 17.54 -5.60
CA THR A 301 -0.88 17.33 -6.76
C THR A 301 -2.13 16.54 -6.40
N GLU A 302 -1.95 15.45 -5.66
CA GLU A 302 -3.10 14.64 -5.27
C GLU A 302 -3.87 15.28 -4.12
N LEU A 303 -3.19 16.00 -3.23
CA LEU A 303 -3.87 16.64 -2.11
C LEU A 303 -4.80 17.74 -2.62
N LEU A 304 -4.46 18.34 -3.76
CA LEU A 304 -5.35 19.34 -4.33
C LEU A 304 -6.69 18.68 -4.67
N LYS A 305 -6.63 17.47 -5.22
CA LYS A 305 -7.86 16.76 -5.59
C LYS A 305 -8.60 16.28 -4.35
N ILE A 306 -7.86 15.83 -3.35
CA ILE A 306 -8.46 15.36 -2.11
C ILE A 306 -9.17 16.54 -1.44
N SER A 307 -8.50 17.69 -1.47
CA SER A 307 -9.05 18.90 -0.87
C SER A 307 -10.31 19.35 -1.58
N ALA A 308 -10.32 19.25 -2.91
CA ALA A 308 -11.50 19.66 -3.68
C ALA A 308 -12.67 18.75 -3.35
N LEU A 309 -12.37 17.47 -3.16
CA LEU A 309 -13.40 16.50 -2.81
C LEU A 309 -14.01 16.92 -1.48
N ALA A 310 -13.14 17.27 -0.53
CA ALA A 310 -13.61 17.71 0.79
C ALA A 310 -14.45 18.98 0.66
N ASP A 311 -14.07 19.86 -0.27
CA ASP A 311 -14.83 21.10 -0.49
C ASP A 311 -16.27 20.79 -0.87
N ALA A 312 -16.44 19.82 -1.77
CA ALA A 312 -17.77 19.43 -2.23
C ALA A 312 -18.57 18.83 -1.08
N HIS A 313 -17.86 18.22 -0.14
CA HIS A 313 -18.49 17.59 1.02
C HIS A 313 -18.58 18.57 2.19
N ASN A 314 -18.13 19.79 1.96
CA ASN A 314 -18.13 20.83 2.99
C ASN A 314 -17.49 20.32 4.26
N ALA A 315 -16.40 19.58 4.09
CA ALA A 315 -15.67 18.99 5.19
C ALA A 315 -14.39 19.74 5.49
N LEU A 316 -13.96 19.66 6.75
CA LEU A 316 -12.72 20.32 7.17
C LEU A 316 -11.53 19.43 6.81
N VAL A 317 -10.46 20.07 6.36
CA VAL A 317 -9.25 19.35 6.02
C VAL A 317 -8.13 19.99 6.82
N VAL A 318 -7.60 19.25 7.79
CA VAL A 318 -6.51 19.76 8.62
C VAL A 318 -5.39 18.74 8.46
N PRO A 319 -4.59 18.90 7.41
CA PRO A 319 -3.47 18.01 7.12
C PRO A 319 -2.56 17.71 8.30
N HIS A 320 -2.09 16.48 8.35
CA HIS A 320 -1.16 16.05 9.37
C HIS A 320 0.06 16.96 9.14
N GLY A 321 0.57 17.57 10.19
CA GLY A 321 1.70 18.48 10.06
C GLY A 321 2.87 17.97 9.26
N SER A 322 3.28 18.73 8.25
CA SER A 322 4.40 18.36 7.38
C SER A 322 5.32 19.55 7.17
N SER A 323 5.54 20.35 8.21
CA SER A 323 6.40 21.51 8.12
C SER A 323 5.98 22.39 6.92
N VAL A 324 6.96 22.99 6.25
CA VAL A 324 6.66 23.87 5.12
C VAL A 324 5.81 23.26 4.02
N TYR A 325 5.84 21.94 3.88
CA TYR A 325 5.07 21.28 2.84
C TYR A 325 3.58 21.39 3.12
N SER A 326 3.21 21.45 4.40
CA SER A 326 1.81 21.63 4.71
C SER A 326 1.48 23.13 4.86
N TYR A 327 2.41 23.92 5.40
CA TYR A 327 2.16 25.36 5.57
C TYR A 327 1.79 26.05 4.26
N HIS A 328 2.56 25.80 3.21
CA HIS A 328 2.30 26.43 1.92
C HIS A 328 0.96 26.01 1.32
N PHE A 329 0.57 24.76 1.56
CA PHE A 329 -0.69 24.25 1.02
C PHE A 329 -1.91 24.76 1.78
N VAL A 330 -1.94 24.54 3.09
CA VAL A 330 -3.08 24.94 3.90
C VAL A 330 -3.38 26.44 3.87
N ALA A 331 -2.36 27.25 3.61
CA ALA A 331 -2.56 28.69 3.56
C ALA A 331 -3.54 29.09 2.47
N THR A 332 -3.64 28.27 1.44
CA THR A 332 -4.49 28.55 0.28
C THR A 332 -5.87 27.91 0.31
N ARG A 333 -6.15 27.13 1.36
CA ARG A 333 -7.42 26.42 1.45
C ARG A 333 -8.47 26.98 2.38
N GLN A 334 -9.64 27.29 1.83
CA GLN A 334 -10.75 27.79 2.64
C GLN A 334 -11.18 26.74 3.65
N ASN A 335 -11.00 25.46 3.31
CA ASN A 335 -11.42 24.37 4.20
C ASN A 335 -10.41 24.00 5.28
N SER A 336 -9.34 24.77 5.42
CA SER A 336 -8.31 24.47 6.41
C SER A 336 -8.03 25.72 7.25
N PRO A 337 -8.96 26.08 8.15
CA PRO A 337 -8.87 27.26 9.03
C PRO A 337 -7.75 27.28 10.06
N PHE A 338 -7.26 26.11 10.44
CA PHE A 338 -6.17 26.03 11.41
C PHE A 338 -5.29 24.86 11.03
N ALA A 339 -4.06 24.86 11.55
CA ALA A 339 -3.09 23.83 11.19
C ALA A 339 -2.44 23.10 12.34
N GLU A 340 -1.89 21.92 12.06
CA GLU A 340 -1.21 21.14 13.09
C GLU A 340 0.29 21.44 13.13
N PHE A 341 0.81 21.56 14.35
CA PHE A 341 2.24 21.76 14.54
C PHE A 341 2.70 20.72 15.56
N LEU A 342 3.60 19.84 15.14
CA LEU A 342 4.12 18.80 16.02
C LEU A 342 5.23 19.38 16.90
N MSE A 343 5.15 19.13 18.20
CA MSE A 343 6.16 19.61 19.12
C MSE A 343 7.26 18.55 19.16
O MSE A 343 7.14 17.53 19.82
CB MSE A 343 5.57 19.80 20.53
CG MSE A 343 4.49 20.87 20.62
SE MSE A 343 5.14 22.65 20.20
CE MSE A 343 5.89 23.11 21.91
N MSE A 344 8.34 18.79 18.42
CA MSE A 344 9.41 17.82 18.35
C MSE A 344 10.47 17.93 19.44
O MSE A 344 11.44 17.18 19.45
CB MSE A 344 10.04 17.83 16.96
CG MSE A 344 9.05 17.42 15.86
SE MSE A 344 8.04 15.79 16.25
CE MSE A 344 9.54 14.61 16.47
N ALA A 345 10.30 18.88 20.36
CA ALA A 345 11.23 19.00 21.47
C ALA A 345 10.93 17.76 22.29
N PRO A 346 11.95 17.04 22.77
CA PRO A 346 11.78 15.82 23.58
C PRO A 346 10.73 15.89 24.69
N LYS A 347 10.67 17.01 25.40
CA LYS A 347 9.72 17.17 26.49
C LYS A 347 8.59 18.14 26.14
N ALA A 348 8.45 18.43 24.85
CA ALA A 348 7.42 19.33 24.34
C ALA A 348 7.29 20.59 25.19
N ASP A 349 8.43 21.12 25.65
CA ASP A 349 8.42 22.31 26.49
C ASP A 349 8.96 23.57 25.83
N GLN A 350 9.16 23.52 24.51
CA GLN A 350 9.62 24.67 23.76
C GLN A 350 9.40 24.40 22.29
N VAL A 351 9.33 25.47 21.50
CA VAL A 351 9.14 25.34 20.07
C VAL A 351 10.47 25.16 19.35
N VAL A 352 10.50 24.18 18.46
CA VAL A 352 11.69 23.89 17.66
C VAL A 352 11.16 23.56 16.25
N PRO A 353 12.02 23.67 15.23
CA PRO A 353 11.57 23.36 13.87
C PRO A 353 11.04 21.94 13.78
N MSE A 354 9.86 21.81 13.17
CA MSE A 354 9.19 20.51 13.00
C MSE A 354 10.05 19.44 12.35
O MSE A 354 10.08 18.30 12.79
CB MSE A 354 7.94 20.69 12.17
CG MSE A 354 6.65 20.45 12.91
SE MSE A 354 5.24 20.09 11.69
CE MSE A 354 5.78 18.34 11.16
N PHE A 355 10.74 19.82 11.27
CA PHE A 355 11.59 18.89 10.56
C PHE A 355 13.06 19.08 10.89
N HIS A 356 13.32 19.51 12.11
CA HIS A 356 14.68 19.71 12.57
C HIS A 356 15.31 18.31 12.56
N PRO A 357 16.61 18.20 12.22
CA PRO A 357 17.58 19.23 11.83
C PRO A 357 17.83 19.32 10.32
N GLN A 358 16.98 18.67 9.53
CA GLN A 358 17.16 18.63 8.07
C GLN A 358 16.95 19.89 7.23
N LEU A 359 16.04 20.76 7.64
CA LEU A 359 15.72 21.95 6.84
C LEU A 359 16.21 23.29 7.36
N LEU A 360 17.18 23.87 6.66
CA LEU A 360 17.68 25.18 7.06
C LEU A 360 16.67 26.20 6.55
N GLY A 361 16.41 27.23 7.36
CA GLY A 361 15.46 28.24 6.96
C GLY A 361 14.02 27.85 7.26
N GLU A 362 13.83 26.76 8.00
CA GLU A 362 12.49 26.32 8.34
C GLU A 362 11.85 27.26 9.37
N PRO A 363 10.69 27.83 9.03
CA PRO A 363 10.01 28.75 9.93
C PRO A 363 9.28 28.02 11.07
N VAL A 364 9.31 28.62 12.26
CA VAL A 364 8.62 28.03 13.40
C VAL A 364 7.47 28.97 13.77
N PRO A 365 6.44 28.44 14.43
CA PRO A 365 5.33 29.32 14.82
C PRO A 365 5.86 30.35 15.80
N GLU A 366 5.38 31.58 15.68
CA GLU A 366 5.77 32.66 16.59
C GLU A 366 4.51 32.90 17.42
N ASN A 367 4.56 32.48 18.68
CA ASN A 367 3.42 32.59 19.58
C ASN A 367 2.18 31.91 18.98
N GLY A 368 2.39 30.72 18.45
CA GLY A 368 1.29 29.94 17.88
C GLY A 368 0.76 30.34 16.53
N ARG A 369 1.40 31.31 15.87
CA ARG A 369 0.95 31.77 14.56
C ARG A 369 2.10 31.90 13.57
N MSE A 370 1.76 32.04 12.29
CA MSE A 370 2.76 32.20 11.25
C MSE A 370 2.24 33.13 10.16
O MSE A 370 1.40 32.74 9.35
CB MSE A 370 3.13 30.84 10.64
CG MSE A 370 4.26 30.94 9.62
SE MSE A 370 4.87 29.21 9.01
CE MSE A 370 5.70 28.61 10.65
N ARG A 371 2.75 34.36 10.16
CA ARG A 371 2.34 35.33 9.16
C ARG A 371 2.72 34.84 7.77
N LEU A 372 1.81 34.96 6.81
CA LEU A 372 2.11 34.53 5.46
C LEU A 372 3.26 35.32 4.86
N SER A 373 3.47 36.53 5.36
CA SER A 373 4.56 37.36 4.86
C SER A 373 5.90 36.69 5.08
N ARG A 374 5.94 35.72 5.99
CA ARG A 374 7.19 35.01 6.29
C ARG A 374 7.52 33.96 5.25
N LEU A 375 6.51 33.53 4.49
CA LEU A 375 6.70 32.52 3.45
C LEU A 375 6.84 33.22 2.11
N ASP A 376 7.90 34.01 1.96
CA ASP A 376 8.11 34.78 0.74
C ASP A 376 9.20 34.29 -0.20
N GLN A 377 9.90 33.23 0.17
CA GLN A 377 10.97 32.70 -0.68
C GLN A 377 10.46 31.69 -1.70
N PRO A 378 11.20 31.49 -2.81
CA PRO A 378 10.79 30.55 -3.86
C PRO A 378 10.62 29.11 -3.38
N GLY A 379 9.70 28.39 -4.03
CA GLY A 379 9.44 27.00 -3.67
C GLY A 379 8.92 26.89 -2.25
N PHE A 380 9.40 25.91 -1.50
CA PHE A 380 8.98 25.74 -0.12
C PHE A 380 9.85 26.55 0.84
N GLY A 381 10.69 27.39 0.25
CA GLY A 381 11.55 28.29 1.00
C GLY A 381 12.59 27.74 1.95
N VAL A 382 12.99 26.50 1.78
CA VAL A 382 14.00 25.91 2.66
C VAL A 382 15.15 25.33 1.85
N THR A 383 16.26 25.08 2.53
CA THR A 383 17.44 24.48 1.91
C THR A 383 17.85 23.29 2.75
N LEU A 384 18.56 22.35 2.14
CA LEU A 384 19.01 21.17 2.85
C LEU A 384 20.18 21.55 3.75
N ASN A 385 20.10 21.16 5.02
CA ASN A 385 21.16 21.46 5.98
C ASN A 385 22.43 20.71 5.60
N PRO A 386 23.52 21.44 5.32
CA PRO A 386 24.81 20.86 4.94
C PRO A 386 25.36 19.88 5.97
N GLU A 387 24.97 20.08 7.24
CA GLU A 387 25.41 19.22 8.32
C GLU A 387 24.95 17.78 8.14
N CYS A 388 23.72 17.62 7.66
CA CYS A 388 23.16 16.30 7.44
C CYS A 388 23.89 15.57 6.31
N GLN A 389 24.55 14.47 6.67
CA GLN A 389 25.31 13.69 5.69
C GLN A 389 24.40 12.79 4.86
N LEU A 390 24.25 13.15 3.59
CA LEU A 390 23.41 12.39 2.66
C LEU A 390 24.06 11.10 2.22
N HIS A 391 23.23 10.11 1.91
CA HIS A 391 23.68 8.81 1.45
C HIS A 391 22.91 8.49 0.17
N ARG A 392 23.64 8.19 -0.90
CA ARG A 392 23.05 7.86 -2.20
C ARG A 392 23.17 6.34 -2.41
N PRO A 393 22.19 5.57 -1.92
CA PRO A 393 22.18 4.11 -2.05
C PRO A 393 22.15 3.56 -3.48
N TYR A 394 21.45 4.26 -4.36
CA TYR A 394 21.29 3.83 -5.75
C TYR A 394 21.52 4.93 -6.79
N THR A 395 21.80 4.48 -8.02
CA THR A 395 21.99 5.37 -9.15
C THR A 395 21.22 4.70 -10.28
N HIS A 396 21.11 5.36 -11.43
CA HIS A 396 20.41 4.78 -12.57
C HIS A 396 20.95 5.30 -13.88
N SER B 2 4.19 -34.59 24.08
CA SER B 2 3.82 -34.02 22.75
C SER B 2 5.07 -33.68 21.96
N LEU B 3 4.89 -33.43 20.67
CA LEU B 3 6.00 -33.10 19.78
C LEU B 3 6.73 -31.84 20.27
N SER B 4 8.06 -31.89 20.29
CA SER B 4 8.84 -30.74 20.71
C SER B 4 8.88 -29.79 19.51
N ILE B 5 8.29 -28.61 19.68
CA ILE B 5 8.25 -27.62 18.61
C ILE B 5 9.49 -26.74 18.58
N PRO B 6 10.18 -26.69 17.43
CA PRO B 6 11.40 -25.87 17.33
C PRO B 6 11.08 -24.39 17.28
N THR B 7 12.11 -23.57 17.51
CA THR B 7 11.96 -22.13 17.46
C THR B 7 12.64 -21.64 16.19
N ILE B 8 12.37 -20.39 15.83
CA ILE B 8 12.97 -19.81 14.64
C ILE B 8 14.33 -19.23 15.02
N LYS B 9 15.37 -19.71 14.36
CA LYS B 9 16.73 -19.25 14.64
C LYS B 9 17.07 -17.99 13.86
N GLN B 10 16.79 -17.99 12.57
CA GLN B 10 17.10 -16.82 11.75
C GLN B 10 16.22 -16.68 10.53
N VAL B 11 15.98 -15.44 10.12
CA VAL B 11 15.20 -15.16 8.93
C VAL B 11 16.17 -14.49 7.96
N ARG B 12 16.12 -14.89 6.69
CA ARG B 12 17.00 -14.31 5.68
C ARG B 12 16.22 -13.94 4.43
N ALA B 13 16.62 -12.84 3.81
CA ALA B 13 15.95 -12.40 2.59
C ALA B 13 16.98 -12.29 1.47
N PHE B 14 16.66 -12.88 0.32
CA PHE B 14 17.54 -12.83 -0.83
C PHE B 14 16.76 -12.27 -2.01
N VAL B 15 17.49 -11.86 -3.05
CA VAL B 15 16.87 -11.34 -4.26
C VAL B 15 17.29 -12.23 -5.41
N LEU B 16 16.36 -12.49 -6.31
CA LEU B 16 16.61 -13.32 -7.48
C LEU B 16 15.99 -12.61 -8.69
N ARG B 17 16.66 -12.69 -9.83
CA ARG B 17 16.16 -12.04 -11.04
C ARG B 17 16.03 -13.01 -12.21
N GLY B 18 15.10 -12.71 -13.11
CA GLY B 18 14.87 -13.55 -14.28
C GLY B 18 13.81 -14.62 -14.07
N GLY B 19 12.59 -14.33 -14.48
CA GLY B 19 11.50 -15.29 -14.34
C GLY B 19 11.16 -15.55 -12.88
N GLY B 20 10.65 -16.75 -12.61
CA GLY B 20 10.29 -17.10 -11.24
C GLY B 20 9.04 -16.41 -10.74
N ALA B 21 9.01 -16.14 -9.43
CA ALA B 21 7.86 -15.51 -8.78
C ALA B 21 7.37 -14.23 -9.46
N ASP B 22 8.29 -13.39 -9.91
CA ASP B 22 7.89 -12.16 -10.59
C ASP B 22 7.60 -12.50 -12.05
N TYR B 23 6.32 -12.77 -12.31
CA TYR B 23 5.83 -13.14 -13.64
C TYR B 23 6.33 -12.25 -14.77
N HIS B 24 6.41 -10.96 -14.51
CA HIS B 24 6.81 -10.00 -15.53
C HIS B 24 8.31 -9.68 -15.63
N ASP B 25 9.13 -10.36 -14.83
CA ASP B 25 10.56 -10.14 -14.88
C ASP B 25 11.10 -10.99 -16.02
N GLN B 26 10.65 -10.67 -17.23
CA GLN B 26 11.02 -11.41 -18.43
C GLN B 26 11.97 -10.68 -19.38
N GLY B 27 12.41 -11.41 -20.41
CA GLY B 27 13.28 -10.86 -21.42
C GLY B 27 12.43 -10.54 -22.64
N ASP B 28 13.05 -10.40 -23.81
CA ASP B 28 12.30 -10.07 -25.03
C ASP B 28 11.54 -11.27 -25.62
N GLY B 29 10.59 -10.96 -26.50
CA GLY B 29 9.81 -11.97 -27.19
C GLY B 29 8.77 -12.79 -26.45
N HIS B 30 8.28 -12.30 -25.32
CA HIS B 30 7.30 -13.05 -24.53
C HIS B 30 5.88 -12.49 -24.72
N TRP B 31 4.88 -13.37 -24.82
CA TRP B 31 3.50 -12.91 -24.98
C TRP B 31 3.05 -12.04 -23.81
N ILE B 32 3.60 -12.31 -22.63
CA ILE B 32 3.21 -11.58 -21.44
C ILE B 32 3.65 -10.11 -21.46
N ASP B 33 4.41 -9.73 -22.48
CA ASP B 33 4.84 -8.35 -22.61
C ASP B 33 4.54 -7.85 -24.01
N ASP B 34 3.66 -8.55 -24.71
CA ASP B 34 3.32 -8.18 -26.08
C ASP B 34 2.07 -7.32 -26.20
N HIS B 35 2.25 -6.01 -26.10
CA HIS B 35 1.17 -5.05 -26.24
C HIS B 35 -0.04 -5.31 -25.33
N ILE B 36 0.23 -5.63 -24.06
CA ILE B 36 -0.84 -5.88 -23.10
C ILE B 36 -1.46 -4.53 -22.72
N SER B 37 -2.79 -4.46 -22.71
CA SER B 37 -3.47 -3.21 -22.35
C SER B 37 -3.29 -2.96 -20.86
N THR B 38 -2.88 -1.75 -20.51
CA THR B 38 -2.68 -1.37 -19.11
C THR B 38 -3.10 0.07 -18.91
N PRO B 39 -3.10 0.55 -17.65
CA PRO B 39 -3.47 1.93 -17.37
C PRO B 39 -2.53 2.93 -18.05
N MSE B 40 -1.33 2.49 -18.40
CA MSE B 40 -0.36 3.35 -19.07
C MSE B 40 -0.50 3.35 -20.59
O MSE B 40 0.13 4.16 -21.28
CB MSE B 40 1.06 2.90 -18.70
CG MSE B 40 1.46 3.23 -17.28
SE MSE B 40 1.63 5.14 -17.03
CE MSE B 40 3.25 5.39 -18.06
N GLY B 41 -1.35 2.47 -21.11
CA GLY B 41 -1.55 2.38 -22.55
C GLY B 41 -1.98 3.66 -23.23
N LYS B 42 -2.54 4.60 -22.47
CA LYS B 42 -2.99 5.85 -23.05
C LYS B 42 -1.80 6.68 -23.54
N TYR B 43 -0.60 6.28 -23.14
CA TYR B 43 0.63 6.95 -23.57
C TYR B 43 1.29 6.02 -24.60
N PRO B 44 1.29 6.41 -25.88
CA PRO B 44 1.88 5.57 -26.92
C PRO B 44 3.26 5.00 -26.61
N GLU B 45 4.11 5.79 -25.96
CA GLU B 45 5.47 5.34 -25.63
C GLU B 45 5.54 4.19 -24.63
N TYR B 46 4.46 3.97 -23.88
CA TYR B 46 4.42 2.90 -22.89
C TYR B 46 3.36 1.85 -23.21
N ARG B 47 2.88 1.85 -24.44
CA ARG B 47 1.81 0.93 -24.87
C ARG B 47 2.26 -0.45 -25.31
N GLN B 48 3.38 -0.54 -26.02
CA GLN B 48 3.84 -1.83 -26.52
C GLN B 48 4.42 -2.76 -25.47
N SER B 49 5.12 -2.21 -24.49
CA SER B 49 5.76 -3.02 -23.46
C SER B 49 5.49 -2.58 -22.02
N ARG B 50 5.01 -3.51 -21.19
CA ARG B 50 4.77 -3.18 -19.79
C ARG B 50 6.10 -2.98 -19.09
N ARG B 51 7.15 -3.63 -19.61
CA ARG B 51 8.47 -3.48 -19.01
C ARG B 51 8.94 -2.03 -19.16
N SER B 52 8.49 -1.36 -20.23
CA SER B 52 8.89 0.01 -20.48
C SER B 52 8.43 0.96 -19.36
N PHE B 53 7.33 0.65 -18.69
CA PHE B 53 6.91 1.51 -17.60
C PHE B 53 7.38 0.97 -16.25
N GLY B 54 8.15 -0.12 -16.28
CA GLY B 54 8.70 -0.67 -15.06
C GLY B 54 8.01 -1.79 -14.32
N ILE B 55 7.27 -2.63 -15.04
CA ILE B 55 6.57 -3.74 -14.39
C ILE B 55 7.55 -4.78 -13.86
N ASN B 56 8.80 -4.69 -14.32
CA ASN B 56 9.85 -5.61 -13.97
C ASN B 56 10.94 -5.00 -13.09
N VAL B 57 10.62 -3.93 -12.37
CA VAL B 57 11.63 -3.27 -11.56
C VAL B 57 11.97 -3.93 -10.21
N LEU B 58 11.08 -4.78 -9.72
CA LEU B 58 11.31 -5.43 -8.43
C LEU B 58 12.04 -6.78 -8.47
N GLY B 59 11.51 -7.71 -9.23
CA GLY B 59 12.14 -9.02 -9.28
C GLY B 59 11.58 -9.87 -8.16
N THR B 60 12.27 -10.97 -7.86
CA THR B 60 11.80 -11.90 -6.83
C THR B 60 12.43 -11.75 -5.45
N LEU B 61 11.58 -11.87 -4.43
CA LEU B 61 12.02 -11.84 -3.04
C LEU B 61 12.03 -13.29 -2.59
N VAL B 62 13.12 -13.72 -1.99
CA VAL B 62 13.21 -15.08 -1.47
C VAL B 62 13.35 -14.91 0.03
N VAL B 63 12.51 -15.62 0.78
CA VAL B 63 12.58 -15.55 2.23
C VAL B 63 12.90 -16.95 2.74
N GLU B 64 13.91 -17.04 3.60
CA GLU B 64 14.29 -18.32 4.20
C GLU B 64 14.13 -18.19 5.70
N ILE B 65 13.62 -19.23 6.33
CA ILE B 65 13.45 -19.23 7.77
C ILE B 65 14.06 -20.52 8.31
N GLU B 66 15.15 -20.38 9.07
CA GLU B 66 15.85 -21.52 9.64
C GLU B 66 15.37 -21.78 11.06
N ALA B 67 15.01 -23.02 11.36
CA ALA B 67 14.53 -23.37 12.69
C ALA B 67 15.64 -24.03 13.51
N SER B 68 15.44 -24.08 14.82
CA SER B 68 16.41 -24.66 15.74
C SER B 68 16.70 -26.14 15.52
N ASP B 69 15.80 -26.82 14.81
CA ASP B 69 15.96 -28.26 14.54
C ASP B 69 16.66 -28.54 13.22
N GLY B 70 17.10 -27.48 12.55
CA GLY B 70 17.79 -27.64 11.28
C GLY B 70 16.90 -27.45 10.07
N ASN B 71 15.60 -27.54 10.26
CA ASN B 71 14.67 -27.36 9.15
C ASN B 71 14.70 -25.93 8.63
N VAL B 72 14.52 -25.78 7.33
CA VAL B 72 14.51 -24.48 6.69
C VAL B 72 13.34 -24.37 5.73
N GLY B 73 12.49 -23.39 5.98
CA GLY B 73 11.35 -23.17 5.11
C GLY B 73 11.67 -21.97 4.24
N PHE B 74 11.03 -21.86 3.09
CA PHE B 74 11.28 -20.72 2.21
C PHE B 74 10.10 -20.50 1.28
N ALA B 75 10.10 -19.35 0.63
CA ALA B 75 9.06 -19.00 -0.32
C ALA B 75 9.56 -17.92 -1.25
N VAL B 76 8.93 -17.80 -2.40
CA VAL B 76 9.31 -16.77 -3.35
C VAL B 76 8.07 -15.97 -3.71
N THR B 77 8.27 -14.67 -3.93
CA THR B 77 7.17 -13.78 -4.30
C THR B 77 7.81 -12.57 -4.95
N THR B 78 7.00 -11.58 -5.30
CA THR B 78 7.48 -10.38 -5.96
C THR B 78 7.81 -9.30 -4.92
N GLY B 79 9.00 -8.71 -5.02
CA GLY B 79 9.39 -7.68 -4.08
C GLY B 79 10.83 -7.22 -4.20
N GLY B 80 11.73 -8.15 -4.50
CA GLY B 80 13.13 -7.80 -4.66
C GLY B 80 13.82 -7.13 -3.49
N GLU B 81 14.75 -6.23 -3.79
CA GLU B 81 15.53 -5.54 -2.78
C GLU B 81 14.77 -4.71 -1.75
N PRO B 82 13.83 -3.85 -2.19
CA PRO B 82 13.12 -3.07 -1.18
C PRO B 82 12.36 -3.97 -0.20
N ALA B 83 11.86 -5.10 -0.71
CA ALA B 83 11.15 -6.05 0.15
C ALA B 83 12.15 -6.71 1.10
N ALA B 84 13.34 -7.01 0.59
CA ALA B 84 14.37 -7.64 1.42
C ALA B 84 14.74 -6.71 2.58
N TYR B 85 14.74 -5.41 2.32
CA TYR B 85 15.06 -4.44 3.35
C TYR B 85 14.06 -4.58 4.49
N ILE B 86 12.78 -4.60 4.11
CA ILE B 86 11.70 -4.73 5.07
C ILE B 86 11.81 -6.01 5.89
N VAL B 87 12.10 -7.13 5.23
CA VAL B 87 12.23 -8.41 5.91
C VAL B 87 13.38 -8.42 6.93
N GLU B 88 14.56 -8.01 6.47
CA GLU B 88 15.75 -8.02 7.32
C GLU B 88 15.74 -6.98 8.43
N LYS B 89 15.45 -5.74 8.08
CA LYS B 89 15.47 -4.65 9.04
C LYS B 89 14.23 -4.48 9.90
N HIS B 90 13.08 -4.97 9.43
CA HIS B 90 11.85 -4.81 10.20
C HIS B 90 11.16 -6.06 10.73
N LEU B 91 10.76 -6.94 9.81
CA LEU B 91 10.00 -8.13 10.19
C LEU B 91 10.72 -9.24 10.95
N ALA B 92 12.01 -9.40 10.71
CA ALA B 92 12.77 -10.46 11.37
C ALA B 92 12.59 -10.51 12.89
N ARG B 93 12.50 -9.35 13.53
CA ARG B 93 12.36 -9.28 14.98
C ARG B 93 11.15 -10.00 15.55
N PHE B 94 10.09 -10.11 14.76
CA PHE B 94 8.88 -10.78 15.21
C PHE B 94 8.94 -12.30 15.07
N LEU B 95 9.87 -12.79 14.26
CA LEU B 95 9.99 -14.22 14.04
C LEU B 95 11.09 -14.91 14.84
N GLU B 96 12.27 -14.31 14.87
CA GLU B 96 13.40 -14.93 15.57
C GLU B 96 13.16 -15.11 17.06
N GLY B 97 13.21 -16.37 17.50
CA GLY B 97 12.98 -16.69 18.90
C GLY B 97 11.59 -17.27 19.09
N ALA B 98 10.71 -17.09 18.10
CA ALA B 98 9.34 -17.59 18.19
C ALA B 98 9.24 -19.09 17.85
N ARG B 99 8.23 -19.74 18.40
CA ARG B 99 8.01 -21.15 18.09
C ARG B 99 7.44 -21.19 16.68
N VAL B 100 7.84 -22.19 15.89
CA VAL B 100 7.37 -22.26 14.51
C VAL B 100 5.85 -22.32 14.34
N THR B 101 5.14 -22.64 15.42
CA THR B 101 3.70 -22.74 15.35
C THR B 101 2.96 -21.43 15.65
N ASP B 102 3.69 -20.38 16.01
CA ASP B 102 3.06 -19.08 16.31
C ASP B 102 2.67 -18.31 15.05
N ILE B 103 2.02 -18.98 14.11
CA ILE B 103 1.63 -18.36 12.84
C ILE B 103 0.71 -17.15 12.96
N GLU B 104 -0.41 -17.31 13.66
CA GLU B 104 -1.35 -16.19 13.81
C GLU B 104 -0.75 -14.99 14.52
N ARG B 105 0.05 -15.23 15.57
CA ARG B 105 0.66 -14.12 16.30
C ARG B 105 1.67 -13.38 15.44
N ILE B 106 2.54 -14.13 14.75
CA ILE B 106 3.54 -13.50 13.90
C ILE B 106 2.90 -12.65 12.81
N TRP B 107 1.86 -13.17 12.17
CA TRP B 107 1.21 -12.42 11.10
C TRP B 107 0.67 -11.10 11.65
N ASP B 108 -0.02 -11.19 12.78
CA ASP B 108 -0.59 -10.00 13.41
C ASP B 108 0.47 -8.96 13.72
N GLN B 109 1.61 -9.39 14.23
CA GLN B 109 2.67 -8.44 14.56
C GLN B 109 3.27 -7.82 13.30
N MSE B 110 3.40 -8.62 12.25
CA MSE B 110 3.94 -8.08 11.00
C MSE B 110 3.01 -7.02 10.43
O MSE B 110 3.45 -5.94 10.03
CB MSE B 110 4.12 -9.20 9.97
CG MSE B 110 5.25 -10.18 10.33
SE MSE B 110 5.79 -11.20 8.79
CE MSE B 110 4.29 -12.42 8.68
N TYR B 111 1.71 -7.32 10.39
CA TYR B 111 0.75 -6.38 9.84
C TYR B 111 0.59 -5.13 10.69
N ASN B 112 0.41 -5.30 11.99
CA ASN B 112 0.23 -4.14 12.86
C ASN B 112 1.47 -3.28 13.01
N SER B 113 2.64 -3.85 12.83
CA SER B 113 3.88 -3.09 12.96
C SER B 113 4.25 -2.32 11.69
N THR B 114 3.64 -2.71 10.56
CA THR B 114 3.92 -2.04 9.29
C THR B 114 2.73 -1.22 8.82
N LEU B 115 1.67 -1.22 9.59
CA LEU B 115 0.47 -0.50 9.24
C LEU B 115 0.74 0.95 8.81
N TYR B 116 1.67 1.61 9.49
CA TYR B 116 1.98 3.00 9.19
C TYR B 116 2.56 3.27 7.80
N TYR B 117 2.98 2.22 7.11
CA TYR B 117 3.49 2.37 5.75
C TYR B 117 3.08 1.20 4.86
N GLY B 118 2.07 0.46 5.31
CA GLY B 118 1.62 -0.71 4.57
C GLY B 118 0.19 -0.70 4.05
N ARG B 119 -0.64 -1.59 4.60
CA ARG B 119 -2.05 -1.74 4.23
C ARG B 119 -2.23 -2.51 2.92
N LYS B 120 -1.54 -2.07 1.88
CA LYS B 120 -1.62 -2.73 0.58
C LYS B 120 -0.29 -2.60 -0.13
N GLY B 121 -0.17 -3.21 -1.30
CA GLY B 121 1.05 -3.11 -2.08
C GLY B 121 2.26 -3.86 -1.57
N LEU B 122 3.43 -3.34 -1.93
CA LEU B 122 4.72 -3.91 -1.58
C LEU B 122 4.86 -4.47 -0.17
N VAL B 123 4.47 -3.70 0.84
CA VAL B 123 4.59 -4.16 2.22
C VAL B 123 3.81 -5.46 2.45
N ILE B 124 2.63 -5.57 1.88
CA ILE B 124 1.84 -6.79 2.05
C ILE B 124 2.46 -7.95 1.27
N ASN B 125 3.07 -7.64 0.12
CA ASN B 125 3.75 -8.67 -0.67
C ASN B 125 4.83 -9.27 0.20
N THR B 126 5.53 -8.40 0.92
CA THR B 126 6.61 -8.82 1.78
C THR B 126 6.11 -9.70 2.91
N ILE B 127 5.04 -9.27 3.57
CA ILE B 127 4.44 -10.05 4.65
C ILE B 127 4.00 -11.41 4.11
N SER B 128 3.43 -11.42 2.90
CA SER B 128 2.97 -12.65 2.28
C SER B 128 4.13 -13.63 2.09
N GLY B 129 5.27 -13.09 1.65
CA GLY B 129 6.44 -13.93 1.42
C GLY B 129 6.91 -14.60 2.71
N VAL B 130 6.99 -13.83 3.79
CA VAL B 130 7.41 -14.38 5.06
C VAL B 130 6.41 -15.42 5.52
N ASP B 131 5.13 -15.10 5.39
CA ASP B 131 4.06 -16.00 5.81
C ASP B 131 4.14 -17.35 5.08
N LEU B 132 4.39 -17.31 3.78
CA LEU B 132 4.49 -18.54 3.00
C LEU B 132 5.68 -19.36 3.47
N ALA B 133 6.80 -18.69 3.73
CA ALA B 133 7.99 -19.37 4.18
C ALA B 133 7.72 -20.03 5.53
N LEU B 134 6.90 -19.39 6.36
CA LEU B 134 6.56 -19.95 7.67
C LEU B 134 5.72 -21.20 7.50
N TRP B 135 4.76 -21.18 6.58
CA TRP B 135 3.94 -22.37 6.36
C TRP B 135 4.77 -23.49 5.76
N ASP B 136 5.76 -23.13 4.94
CA ASP B 136 6.64 -24.14 4.34
C ASP B 136 7.44 -24.80 5.45
N LEU B 137 7.91 -23.98 6.39
CA LEU B 137 8.70 -24.47 7.51
C LEU B 137 7.88 -25.36 8.42
N LEU B 138 6.65 -24.93 8.71
CA LEU B 138 5.77 -25.72 9.58
C LEU B 138 5.49 -27.06 8.93
N GLY B 139 5.26 -27.06 7.62
CA GLY B 139 5.01 -28.31 6.93
C GLY B 139 6.22 -29.23 7.01
N LYS B 140 7.42 -28.66 6.90
CA LYS B 140 8.63 -29.45 6.99
C LYS B 140 8.84 -30.01 8.38
N VAL B 141 8.50 -29.23 9.41
CA VAL B 141 8.63 -29.68 10.78
C VAL B 141 7.67 -30.84 11.07
N ARG B 142 6.46 -30.74 10.51
CA ARG B 142 5.46 -31.77 10.70
C ARG B 142 5.56 -32.92 9.70
N ARG B 143 6.41 -32.74 8.69
CA ARG B 143 6.62 -33.73 7.64
C ARG B 143 5.34 -34.01 6.87
N GLU B 144 4.57 -32.95 6.62
CA GLU B 144 3.32 -33.07 5.88
C GLU B 144 3.18 -31.94 4.87
N PRO B 145 2.49 -32.20 3.76
CA PRO B 145 2.28 -31.16 2.74
C PRO B 145 1.35 -30.10 3.33
N VAL B 146 1.48 -28.86 2.88
CA VAL B 146 0.65 -27.79 3.39
C VAL B 146 -0.86 -28.02 3.29
N HIS B 147 -1.33 -28.69 2.24
CA HIS B 147 -2.78 -28.91 2.14
C HIS B 147 -3.33 -29.69 3.33
N GLN B 148 -2.51 -30.55 3.94
CA GLN B 148 -2.98 -31.32 5.09
C GLN B 148 -3.03 -30.49 6.36
N LEU B 149 -2.33 -29.35 6.35
CA LEU B 149 -2.32 -28.46 7.50
C LEU B 149 -3.48 -27.49 7.35
N LEU B 150 -4.02 -27.42 6.13
CA LEU B 150 -5.12 -26.51 5.84
C LEU B 150 -6.49 -27.21 5.75
N GLY B 151 -6.68 -28.26 6.55
CA GLY B 151 -7.96 -28.95 6.56
C GLY B 151 -8.11 -30.09 5.56
N GLY B 152 -7.07 -30.34 4.79
CA GLY B 152 -7.11 -31.43 3.82
C GLY B 152 -7.80 -31.07 2.51
N ALA B 153 -7.41 -31.78 1.46
CA ALA B 153 -7.99 -31.57 0.14
C ALA B 153 -9.47 -31.96 0.13
N VAL B 154 -10.24 -31.29 -0.72
CA VAL B 154 -11.67 -31.58 -0.85
C VAL B 154 -11.96 -32.16 -2.22
N ARG B 155 -10.91 -32.34 -3.01
CA ARG B 155 -10.99 -32.92 -4.35
C ARG B 155 -9.74 -33.76 -4.58
N ASP B 156 -9.83 -34.77 -5.45
CA ASP B 156 -8.68 -35.65 -5.73
C ASP B 156 -7.67 -35.08 -6.72
N GLU B 157 -8.06 -34.02 -7.42
CA GLU B 157 -7.18 -33.40 -8.40
C GLU B 157 -7.63 -31.98 -8.68
N LEU B 158 -6.72 -31.17 -9.22
CA LEU B 158 -7.03 -29.81 -9.57
C LEU B 158 -7.23 -29.75 -11.08
N GLN B 159 -8.15 -28.90 -11.54
CA GLN B 159 -8.37 -28.75 -12.97
C GLN B 159 -8.03 -27.29 -13.26
N PHE B 160 -7.32 -27.06 -14.36
CA PHE B 160 -6.86 -25.71 -14.70
C PHE B 160 -7.34 -25.11 -16.00
N TYR B 161 -7.40 -23.77 -16.01
CA TYR B 161 -7.69 -23.03 -17.21
C TYR B 161 -6.32 -22.39 -17.44
N ALA B 162 -5.99 -22.09 -18.69
CA ALA B 162 -4.68 -21.52 -19.02
C ALA B 162 -4.74 -20.05 -19.41
N THR B 163 -3.79 -19.28 -18.89
CA THR B 163 -3.72 -17.85 -19.21
C THR B 163 -2.56 -17.61 -20.15
N GLY B 164 -2.87 -17.03 -21.30
CA GLY B 164 -1.85 -16.76 -22.30
C GLY B 164 -2.51 -16.36 -23.62
N ALA B 165 -1.69 -16.00 -24.59
CA ALA B 165 -2.20 -15.55 -25.88
C ALA B 165 -2.70 -16.66 -26.81
N ARG B 166 -2.57 -17.91 -26.39
CA ARG B 166 -3.01 -19.01 -27.24
C ARG B 166 -4.02 -19.98 -26.62
N PRO B 167 -5.25 -19.50 -26.38
CA PRO B 167 -6.26 -20.39 -25.79
C PRO B 167 -6.52 -21.60 -26.70
N ASP B 168 -6.27 -21.45 -27.99
CA ASP B 168 -6.49 -22.56 -28.91
C ASP B 168 -5.50 -23.69 -28.65
N LEU B 169 -4.25 -23.31 -28.35
CA LEU B 169 -3.23 -24.32 -28.07
C LEU B 169 -3.47 -24.89 -26.68
N ALA B 170 -4.05 -24.08 -25.79
CA ALA B 170 -4.33 -24.55 -24.44
C ALA B 170 -5.38 -25.64 -24.48
N GLN B 171 -6.37 -25.51 -25.36
CA GLN B 171 -7.42 -26.51 -25.47
C GLN B 171 -6.79 -27.84 -25.84
N LYS B 172 -5.87 -27.80 -26.81
CA LYS B 172 -5.20 -29.01 -27.27
C LYS B 172 -4.34 -29.65 -26.17
N MSE B 173 -4.00 -28.87 -25.16
CA MSE B 173 -3.19 -29.37 -24.06
C MSE B 173 -4.03 -29.90 -22.89
O MSE B 173 -3.47 -30.30 -21.86
CB MSE B 173 -2.20 -28.30 -23.59
CG MSE B 173 -1.07 -28.05 -24.59
SE MSE B 173 0.28 -26.80 -24.02
CE MSE B 173 -0.31 -25.24 -25.00
N GLY B 174 -5.35 -29.88 -23.04
CA GLY B 174 -6.22 -30.41 -22.00
C GLY B 174 -6.83 -29.44 -21.01
N PHE B 175 -6.44 -28.17 -21.09
CA PHE B 175 -6.98 -27.17 -20.17
C PHE B 175 -8.49 -27.02 -20.37
N ILE B 176 -9.18 -26.58 -19.33
CA ILE B 176 -10.62 -26.43 -19.38
C ILE B 176 -11.07 -25.09 -19.95
N GLY B 177 -10.13 -24.18 -20.09
CA GLY B 177 -10.45 -22.87 -20.62
C GLY B 177 -9.20 -22.08 -20.92
N GLY B 178 -9.37 -20.94 -21.56
CA GLY B 178 -8.24 -20.10 -21.89
C GLY B 178 -8.52 -18.63 -21.68
N LYS B 179 -7.76 -18.01 -20.80
CA LYS B 179 -7.92 -16.58 -20.53
C LYS B 179 -6.88 -15.83 -21.36
N MSE B 180 -7.37 -14.92 -22.20
CA MSE B 180 -6.51 -14.15 -23.10
C MSE B 180 -6.27 -12.72 -22.61
O MSE B 180 -7.15 -12.11 -22.02
CB MSE B 180 -7.15 -14.03 -24.48
CG MSE B 180 -7.94 -15.23 -24.96
SE MSE B 180 -9.11 -14.67 -26.42
CE MSE B 180 -10.56 -13.95 -25.38
N PRO B 181 -5.08 -12.19 -22.87
CA PRO B 181 -4.79 -10.83 -22.44
C PRO B 181 -5.43 -9.83 -23.43
N LEU B 182 -6.03 -8.78 -22.90
CA LEU B 182 -6.63 -7.76 -23.78
C LEU B 182 -5.47 -6.92 -24.30
N HIS B 183 -5.45 -6.68 -25.61
CA HIS B 183 -4.36 -5.91 -26.20
C HIS B 183 -4.65 -4.45 -26.53
N HIS B 184 -5.92 -4.06 -26.46
CA HIS B 184 -6.27 -2.69 -26.78
C HIS B 184 -7.16 -2.05 -25.73
N GLY B 185 -6.80 -0.84 -25.33
CA GLY B 185 -7.56 -0.13 -24.31
C GLY B 185 -8.36 1.02 -24.86
N PRO B 186 -9.06 1.76 -23.99
CA PRO B 186 -9.89 2.90 -24.34
C PRO B 186 -9.27 3.94 -25.28
N SER B 187 -7.99 4.24 -25.08
CA SER B 187 -7.33 5.25 -25.90
C SER B 187 -7.19 4.83 -27.36
N GLU B 188 -7.40 3.56 -27.65
CA GLU B 188 -7.31 3.10 -29.03
C GLU B 188 -8.67 3.17 -29.73
N GLY B 189 -9.66 3.71 -29.02
CA GLY B 189 -10.98 3.88 -29.58
C GLY B 189 -11.71 2.68 -30.15
N GLU B 190 -12.62 2.97 -31.08
CA GLU B 190 -13.43 1.93 -31.73
C GLU B 190 -12.61 0.93 -32.52
N GLU B 191 -11.52 1.38 -33.12
CA GLU B 191 -10.66 0.51 -33.90
C GLU B 191 -10.07 -0.56 -32.98
N GLY B 192 -9.66 -0.15 -31.79
CA GLY B 192 -9.09 -1.07 -30.83
C GLY B 192 -10.12 -2.03 -30.29
N LEU B 193 -11.35 -1.53 -30.11
CA LEU B 193 -12.41 -2.39 -29.61
C LEU B 193 -12.70 -3.46 -30.64
N LYS B 194 -12.74 -3.06 -31.92
CA LYS B 194 -12.99 -4.00 -32.99
C LYS B 194 -11.91 -5.08 -33.00
N LYS B 195 -10.66 -4.67 -32.81
CA LYS B 195 -9.54 -5.63 -32.80
C LYS B 195 -9.64 -6.58 -31.62
N ASN B 196 -10.09 -6.08 -30.48
CA ASN B 196 -10.25 -6.93 -29.30
C ASN B 196 -11.27 -8.03 -29.56
N LEU B 197 -12.41 -7.64 -30.13
CA LEU B 197 -13.47 -8.58 -30.42
C LEU B 197 -13.10 -9.55 -31.54
N GLU B 198 -12.26 -9.10 -32.46
CA GLU B 198 -11.81 -9.96 -33.56
C GLU B 198 -10.94 -11.07 -32.98
N GLU B 199 -10.08 -10.71 -32.03
CA GLU B 199 -9.22 -11.71 -31.41
C GLU B 199 -10.03 -12.78 -30.70
N LEU B 200 -11.08 -12.35 -29.99
CA LEU B 200 -11.94 -13.27 -29.29
C LEU B 200 -12.70 -14.13 -30.30
N ALA B 201 -13.17 -13.50 -31.37
CA ALA B 201 -13.90 -14.21 -32.42
C ALA B 201 -13.05 -15.32 -33.03
N THR B 202 -11.80 -14.99 -33.33
CA THR B 202 -10.89 -15.96 -33.93
C THR B 202 -10.66 -17.15 -33.02
N MSE B 203 -10.47 -16.90 -31.73
CA MSE B 203 -10.26 -18.00 -30.81
C MSE B 203 -11.53 -18.82 -30.61
O MSE B 203 -11.46 -20.04 -30.49
CB MSE B 203 -9.73 -17.47 -29.47
CG MSE B 203 -8.28 -16.97 -29.54
SE MSE B 203 -7.04 -18.35 -30.13
CE MSE B 203 -5.56 -17.24 -30.67
N ARG B 204 -12.69 -18.17 -30.57
CA ARG B 204 -13.93 -18.91 -30.39
C ARG B 204 -14.16 -19.86 -31.57
N GLU B 205 -13.79 -19.43 -32.76
CA GLU B 205 -13.95 -20.26 -33.95
C GLU B 205 -13.09 -21.51 -33.86
N ARG B 206 -11.87 -21.33 -33.34
CA ARG B 206 -10.92 -22.44 -33.21
C ARG B 206 -11.25 -23.45 -32.12
N VAL B 207 -11.75 -22.97 -30.99
CA VAL B 207 -12.04 -23.85 -29.85
C VAL B 207 -13.45 -24.43 -29.73
N GLY B 208 -14.42 -23.90 -30.47
CA GLY B 208 -15.77 -24.43 -30.38
C GLY B 208 -16.59 -23.63 -29.38
N PRO B 209 -17.91 -23.89 -29.28
CA PRO B 209 -18.81 -23.19 -28.37
C PRO B 209 -18.79 -23.47 -26.87
N ASP B 210 -18.11 -24.53 -26.44
CA ASP B 210 -18.10 -24.85 -25.01
C ASP B 210 -16.83 -24.53 -24.24
N PHE B 211 -15.68 -24.59 -24.89
CA PHE B 211 -14.40 -24.29 -24.25
C PHE B 211 -14.51 -22.90 -23.63
N TRP B 212 -14.04 -22.74 -22.39
CA TRP B 212 -14.12 -21.44 -21.74
C TRP B 212 -13.13 -20.42 -22.28
N LEU B 213 -13.61 -19.21 -22.53
CA LEU B 213 -12.75 -18.13 -22.99
C LEU B 213 -12.99 -16.94 -22.06
N MSE B 214 -11.92 -16.31 -21.62
CA MSE B 214 -12.02 -15.16 -20.73
C MSE B 214 -11.08 -14.06 -21.21
O MSE B 214 -10.14 -14.33 -21.95
CB MSE B 214 -11.65 -15.55 -19.30
CG MSE B 214 -12.37 -16.77 -18.76
SE MSE B 214 -11.60 -18.44 -19.39
CE MSE B 214 -11.33 -19.33 -17.69
N PHE B 215 -11.33 -12.83 -20.78
CA PHE B 215 -10.49 -11.69 -21.14
C PHE B 215 -9.91 -11.11 -19.86
N ASP B 216 -8.59 -10.89 -19.86
CA ASP B 216 -7.93 -10.27 -18.70
C ASP B 216 -7.61 -8.87 -19.19
N CYS B 217 -8.07 -7.86 -18.46
CA CYS B 217 -7.87 -6.47 -18.87
C CYS B 217 -6.84 -5.67 -18.08
N TRP B 218 -6.19 -6.32 -17.12
CA TRP B 218 -5.16 -5.71 -16.29
C TRP B 218 -5.39 -4.24 -15.90
N MSE B 219 -6.54 -3.98 -15.27
CA MSE B 219 -6.91 -2.65 -14.77
C MSE B 219 -6.96 -1.53 -15.81
O MSE B 219 -7.06 -0.36 -15.45
CB MSE B 219 -5.92 -2.20 -13.68
CG MSE B 219 -5.50 -3.26 -12.67
SE MSE B 219 -4.13 -2.62 -11.44
CE MSE B 219 -2.60 -2.83 -12.60
N SER B 220 -6.95 -1.89 -17.10
CA SER B 220 -6.86 -0.87 -18.15
C SER B 220 -8.07 -0.15 -18.75
N LEU B 221 -9.28 -0.51 -18.34
CA LEU B 221 -10.44 0.13 -18.96
C LEU B 221 -11.15 1.14 -18.07
N ASP B 222 -12.21 1.73 -18.61
CA ASP B 222 -13.04 2.66 -17.87
C ASP B 222 -14.42 2.00 -17.91
N LEU B 223 -15.34 2.45 -17.07
CA LEU B 223 -16.66 1.85 -17.01
C LEU B 223 -17.40 1.68 -18.34
N ASN B 224 -17.50 2.74 -19.11
CA ASN B 224 -18.20 2.64 -20.39
C ASN B 224 -17.55 1.68 -21.37
N TYR B 225 -16.24 1.76 -21.53
CA TYR B 225 -15.54 0.88 -22.46
C TYR B 225 -15.71 -0.57 -22.03
N ALA B 226 -15.55 -0.83 -20.74
CA ALA B 226 -15.68 -2.19 -20.21
C ALA B 226 -17.09 -2.70 -20.45
N THR B 227 -18.06 -1.82 -20.26
CA THR B 227 -19.46 -2.16 -20.46
C THR B 227 -19.70 -2.57 -21.91
N ARG B 228 -19.15 -1.78 -22.83
CA ARG B 228 -19.32 -2.05 -24.25
C ARG B 228 -18.54 -3.29 -24.71
N LEU B 229 -17.37 -3.51 -24.12
CA LEU B 229 -16.55 -4.68 -24.48
C LEU B 229 -17.29 -5.94 -24.04
N ALA B 230 -17.79 -5.92 -22.81
CA ALA B 230 -18.52 -7.06 -22.27
C ALA B 230 -19.74 -7.36 -23.15
N ARG B 231 -20.48 -6.32 -23.51
CA ARG B 231 -21.67 -6.50 -24.36
C ARG B 231 -21.29 -7.07 -25.72
N GLY B 232 -20.19 -6.58 -26.28
CA GLY B 232 -19.74 -7.07 -27.57
C GLY B 232 -19.21 -8.50 -27.52
N ALA B 233 -18.71 -8.91 -26.35
CA ALA B 233 -18.16 -10.25 -26.19
C ALA B 233 -19.26 -11.30 -25.93
N ARG B 234 -20.46 -10.84 -25.65
CA ARG B 234 -21.59 -11.73 -25.40
C ARG B 234 -21.79 -12.69 -26.57
N GLU B 235 -21.61 -12.16 -27.77
CA GLU B 235 -21.78 -12.90 -29.02
C GLU B 235 -20.85 -14.11 -29.11
N TYR B 236 -19.72 -14.03 -28.41
CA TYR B 236 -18.74 -15.11 -28.44
C TYR B 236 -18.72 -15.93 -27.16
N GLY B 237 -19.75 -15.76 -26.33
CA GLY B 237 -19.87 -16.52 -25.09
C GLY B 237 -18.75 -16.35 -24.07
N LEU B 238 -18.21 -15.14 -23.96
CA LEU B 238 -17.14 -14.89 -23.01
C LEU B 238 -17.60 -15.26 -21.60
N LYS B 239 -16.83 -16.11 -20.92
CA LYS B 239 -17.21 -16.54 -19.58
C LYS B 239 -17.07 -15.45 -18.53
N TRP B 240 -15.96 -14.71 -18.57
CA TRP B 240 -15.78 -13.60 -17.63
C TRP B 240 -14.82 -12.56 -18.15
N ILE B 241 -14.95 -11.35 -17.60
CA ILE B 241 -14.08 -10.24 -17.93
C ILE B 241 -13.37 -9.91 -16.62
N GLU B 242 -12.04 -9.99 -16.65
CA GLU B 242 -11.20 -9.78 -15.47
C GLU B 242 -10.46 -8.45 -15.35
N GLU B 243 -10.43 -7.94 -14.12
CA GLU B 243 -9.78 -6.66 -13.79
C GLU B 243 -10.02 -5.58 -14.82
N ALA B 244 -11.29 -5.35 -15.15
CA ALA B 244 -11.63 -4.33 -16.12
C ALA B 244 -11.17 -2.94 -15.67
N LEU B 245 -11.27 -2.69 -14.36
CA LEU B 245 -10.93 -1.38 -13.83
C LEU B 245 -9.85 -1.38 -12.77
N PRO B 246 -9.31 -0.19 -12.43
CA PRO B 246 -8.27 -0.10 -11.41
C PRO B 246 -8.89 -0.60 -10.10
N PRO B 247 -8.09 -1.24 -9.24
CA PRO B 247 -8.52 -1.80 -7.95
C PRO B 247 -9.17 -0.87 -6.95
N ASP B 248 -8.88 0.42 -7.02
CA ASP B 248 -9.48 1.35 -6.08
C ASP B 248 -10.89 1.78 -6.48
N ASP B 249 -11.31 1.43 -7.67
CA ASP B 249 -12.64 1.83 -8.13
C ASP B 249 -13.71 0.80 -7.78
N TYR B 250 -14.01 0.68 -6.48
CA TYR B 250 -15.01 -0.27 -6.01
C TYR B 250 -16.37 0.04 -6.61
N TRP B 251 -16.73 1.33 -6.61
CA TRP B 251 -18.00 1.78 -7.14
C TRP B 251 -18.17 1.38 -8.61
N GLY B 252 -17.12 1.60 -9.40
CA GLY B 252 -17.16 1.26 -10.81
C GLY B 252 -17.37 -0.23 -11.05
N TYR B 253 -16.73 -1.07 -10.24
CA TYR B 253 -16.89 -2.51 -10.40
C TYR B 253 -18.32 -2.94 -10.14
N ALA B 254 -18.94 -2.37 -9.13
CA ALA B 254 -20.32 -2.70 -8.78
C ALA B 254 -21.24 -2.33 -9.93
N GLU B 255 -20.99 -1.18 -10.56
CA GLU B 255 -21.79 -0.71 -11.67
C GLU B 255 -21.58 -1.60 -12.89
N LEU B 256 -20.32 -1.96 -13.14
CA LEU B 256 -20.01 -2.82 -14.27
C LEU B 256 -20.71 -4.16 -14.13
N ARG B 257 -20.63 -4.74 -12.94
CA ARG B 257 -21.27 -6.03 -12.70
C ARG B 257 -22.76 -5.94 -12.96
N ARG B 258 -23.35 -4.79 -12.64
CA ARG B 258 -24.78 -4.59 -12.88
C ARG B 258 -25.08 -4.44 -14.37
N ASN B 259 -24.20 -3.73 -15.08
CA ASN B 259 -24.40 -3.50 -16.52
C ASN B 259 -23.92 -4.65 -17.40
N ALA B 260 -23.29 -5.66 -16.79
CA ALA B 260 -22.78 -6.80 -17.54
C ALA B 260 -23.86 -7.74 -18.07
N PRO B 261 -23.57 -8.44 -19.17
CA PRO B 261 -24.53 -9.38 -19.77
C PRO B 261 -24.92 -10.44 -18.74
N THR B 262 -26.22 -10.74 -18.66
CA THR B 262 -26.70 -11.72 -17.72
C THR B 262 -25.98 -13.04 -17.96
N GLY B 263 -25.37 -13.58 -16.91
CA GLY B 263 -24.65 -14.84 -17.03
C GLY B 263 -23.14 -14.69 -17.16
N MSE B 264 -22.69 -13.52 -17.63
CA MSE B 264 -21.26 -13.28 -17.78
C MSE B 264 -20.73 -12.77 -16.45
O MSE B 264 -21.35 -11.91 -15.82
CB MSE B 264 -20.99 -12.24 -18.87
CG MSE B 264 -19.51 -12.04 -19.17
SE MSE B 264 -19.19 -10.68 -20.51
CE MSE B 264 -20.08 -11.55 -21.99
N MSE B 265 -19.60 -13.29 -16.01
CA MSE B 265 -19.04 -12.86 -14.73
C MSE B 265 -18.01 -11.76 -14.81
O MSE B 265 -17.36 -11.56 -15.85
CB MSE B 265 -18.47 -14.07 -13.98
CG MSE B 265 -19.53 -15.12 -13.67
SE MSE B 265 -18.89 -16.52 -12.54
CE MSE B 265 -17.82 -17.46 -13.83
N VAL B 266 -17.91 -11.03 -13.72
CA VAL B 266 -16.96 -9.94 -13.56
C VAL B 266 -16.03 -10.38 -12.44
N THR B 267 -14.73 -10.41 -12.72
CA THR B 267 -13.78 -10.84 -11.71
C THR B 267 -12.69 -9.79 -11.47
N THR B 268 -12.09 -9.84 -10.29
CA THR B 268 -11.01 -8.92 -9.95
C THR B 268 -10.39 -9.36 -8.63
N GLY B 269 -9.37 -8.65 -8.18
CA GLY B 269 -8.77 -8.98 -6.90
C GLY B 269 -7.29 -9.32 -6.84
N GLU B 270 -6.63 -9.58 -7.96
CA GLU B 270 -5.21 -9.91 -7.87
C GLU B 270 -4.38 -8.75 -7.32
N HIS B 271 -4.91 -7.53 -7.41
CA HIS B 271 -4.22 -6.37 -6.87
C HIS B 271 -4.94 -5.80 -5.67
N GLU B 272 -5.61 -6.67 -4.93
CA GLU B 272 -6.33 -6.29 -3.71
C GLU B 272 -5.65 -7.06 -2.58
N ALA B 273 -5.71 -6.52 -1.36
CA ALA B 273 -5.07 -7.15 -0.21
C ALA B 273 -5.89 -7.08 1.07
N THR B 274 -5.65 -8.06 1.93
CA THR B 274 -6.27 -8.25 3.25
C THR B 274 -7.77 -8.54 3.27
N ARG B 275 -8.21 -9.06 4.41
CA ARG B 275 -9.61 -9.40 4.62
C ARG B 275 -10.50 -8.18 4.41
N TRP B 276 -9.98 -7.00 4.70
CA TRP B 276 -10.77 -5.78 4.57
C TRP B 276 -10.91 -5.33 3.12
N GLY B 277 -9.87 -5.54 2.33
CA GLY B 277 -9.94 -5.16 0.93
C GLY B 277 -10.98 -6.04 0.25
N PHE B 278 -10.95 -7.33 0.56
CA PHE B 278 -11.90 -8.24 -0.04
C PHE B 278 -13.31 -8.11 0.55
N ARG B 279 -13.42 -7.61 1.79
CA ARG B 279 -14.74 -7.41 2.36
C ARG B 279 -15.42 -6.30 1.55
N MSE B 280 -14.66 -5.26 1.23
CA MSE B 280 -15.21 -4.15 0.45
C MSE B 280 -15.70 -4.67 -0.92
O MSE B 280 -16.80 -4.34 -1.35
CB MSE B 280 -14.17 -3.06 0.25
CG MSE B 280 -14.73 -1.73 -0.27
SE MSE B 280 -16.00 -0.89 0.94
CE MSE B 280 -14.75 0.03 2.08
N LEU B 281 -14.90 -5.51 -1.57
CA LEU B 281 -15.28 -6.05 -2.87
C LEU B 281 -16.58 -6.85 -2.79
N LEU B 282 -16.65 -7.76 -1.82
CA LEU B 282 -17.81 -8.61 -1.67
C LEU B 282 -19.07 -7.86 -1.23
N GLU B 283 -18.94 -7.00 -0.22
CA GLU B 283 -20.11 -6.28 0.27
C GLU B 283 -20.71 -5.29 -0.71
N MSE B 284 -19.87 -4.68 -1.54
CA MSE B 284 -20.36 -3.73 -2.54
C MSE B 284 -20.79 -4.42 -3.83
O MSE B 284 -21.21 -3.76 -4.78
CB MSE B 284 -19.31 -2.66 -2.83
CG MSE B 284 -18.99 -1.79 -1.62
SE MSE B 284 -17.91 -0.25 -2.06
CE MSE B 284 -19.25 1.12 -1.90
N GLY B 285 -20.70 -5.75 -3.86
CA GLY B 285 -21.10 -6.50 -5.05
C GLY B 285 -20.29 -6.14 -6.28
N CYS B 286 -18.97 -6.05 -6.09
CA CYS B 286 -18.04 -5.68 -7.16
C CYS B 286 -17.68 -6.78 -8.15
N CYS B 287 -17.85 -8.03 -7.75
CA CYS B 287 -17.44 -9.12 -8.61
C CYS B 287 -18.08 -10.46 -8.24
N ASP B 288 -18.01 -11.40 -9.17
CA ASP B 288 -18.56 -12.73 -9.01
C ASP B 288 -17.48 -13.70 -8.51
N ILE B 289 -16.23 -13.39 -8.82
CA ILE B 289 -15.09 -14.20 -8.40
C ILE B 289 -13.97 -13.30 -7.90
N ILE B 290 -13.43 -13.59 -6.72
CA ILE B 290 -12.29 -12.79 -6.23
C ILE B 290 -11.04 -13.58 -6.57
N GLN B 291 -9.99 -12.88 -6.98
CA GLN B 291 -8.77 -13.54 -7.41
C GLN B 291 -7.49 -13.08 -6.71
N PRO B 292 -7.45 -13.23 -5.39
CA PRO B 292 -6.24 -12.81 -4.67
C PRO B 292 -5.02 -13.64 -5.08
N ASP B 293 -3.85 -13.03 -5.00
CA ASP B 293 -2.62 -13.76 -5.28
C ASP B 293 -2.12 -14.06 -3.88
N VAL B 294 -1.86 -15.33 -3.59
CA VAL B 294 -1.42 -15.74 -2.26
C VAL B 294 -0.16 -15.01 -1.81
N GLY B 295 0.70 -14.70 -2.77
CA GLY B 295 1.95 -14.02 -2.46
C GLY B 295 1.84 -12.51 -2.37
N TRP B 296 0.67 -11.96 -2.65
CA TRP B 296 0.48 -10.51 -2.57
C TRP B 296 -0.65 -10.05 -1.64
N CYS B 297 -1.61 -10.94 -1.38
CA CYS B 297 -2.77 -10.59 -0.56
C CYS B 297 -2.58 -10.68 0.95
N GLY B 298 -1.46 -11.25 1.38
CA GLY B 298 -1.21 -11.38 2.80
C GLY B 298 -0.71 -12.75 3.20
N GLY B 299 -0.61 -13.65 2.23
CA GLY B 299 -0.12 -14.99 2.51
C GLY B 299 -1.24 -15.97 2.80
N VAL B 300 -0.88 -17.21 3.13
CA VAL B 300 -1.88 -18.22 3.43
C VAL B 300 -2.71 -17.88 4.67
N THR B 301 -2.05 -17.37 5.71
CA THR B 301 -2.76 -17.04 6.94
C THR B 301 -3.91 -16.08 6.67
N GLU B 302 -3.65 -15.05 5.89
CA GLU B 302 -4.69 -14.08 5.59
C GLU B 302 -5.65 -14.60 4.53
N LEU B 303 -5.16 -15.42 3.60
CA LEU B 303 -6.03 -15.95 2.56
C LEU B 303 -7.07 -16.89 3.17
N LEU B 304 -6.72 -17.52 4.28
CA LEU B 304 -7.69 -18.39 4.96
C LEU B 304 -8.87 -17.54 5.40
N LYS B 305 -8.59 -16.34 5.89
CA LYS B 305 -9.65 -15.45 6.34
C LYS B 305 -10.41 -14.86 5.15
N ILE B 306 -9.69 -14.53 4.09
CA ILE B 306 -10.33 -13.98 2.89
C ILE B 306 -11.27 -15.05 2.30
N SER B 307 -10.81 -16.29 2.29
CA SER B 307 -11.58 -17.41 1.77
C SER B 307 -12.85 -17.66 2.57
N ALA B 308 -12.73 -17.60 3.90
CA ALA B 308 -13.88 -17.82 4.77
C ALA B 308 -14.93 -16.73 4.52
N LEU B 309 -14.45 -15.51 4.30
CA LEU B 309 -15.35 -14.39 4.02
C LEU B 309 -16.13 -14.70 2.75
N ALA B 310 -15.42 -15.16 1.73
CA ALA B 310 -16.05 -15.53 0.46
C ALA B 310 -17.03 -16.67 0.68
N ASP B 311 -16.71 -17.59 1.58
CA ASP B 311 -17.60 -18.72 1.89
C ASP B 311 -18.94 -18.20 2.39
N ALA B 312 -18.89 -17.24 3.30
CA ALA B 312 -20.10 -16.65 3.86
C ALA B 312 -20.90 -15.95 2.78
N HIS B 313 -20.18 -15.40 1.80
CA HIS B 313 -20.81 -14.70 0.69
C HIS B 313 -21.13 -15.64 -0.47
N ASN B 314 -20.88 -16.92 -0.26
CA ASN B 314 -21.13 -17.93 -1.28
C ASN B 314 -20.54 -17.47 -2.60
N ALA B 315 -19.32 -16.95 -2.51
CA ALA B 315 -18.60 -16.44 -3.67
C ALA B 315 -17.48 -17.38 -4.05
N LEU B 316 -17.14 -17.40 -5.34
CA LEU B 316 -16.07 -18.25 -5.83
C LEU B 316 -14.73 -17.56 -5.61
N VAL B 317 -13.73 -18.34 -5.23
CA VAL B 317 -12.39 -17.81 -5.04
C VAL B 317 -11.45 -18.60 -5.95
N VAL B 318 -10.87 -17.92 -6.94
CA VAL B 318 -9.95 -18.55 -7.87
C VAL B 318 -8.69 -17.71 -7.86
N PRO B 319 -7.77 -18.02 -6.93
CA PRO B 319 -6.50 -17.31 -6.77
C PRO B 319 -5.71 -17.08 -8.05
N HIS B 320 -5.03 -15.94 -8.10
CA HIS B 320 -4.18 -15.58 -9.23
C HIS B 320 -2.94 -16.47 -9.18
N GLY B 321 -2.96 -17.51 -10.03
CA GLY B 321 -1.89 -18.48 -10.11
C GLY B 321 -0.62 -18.14 -9.35
N SER B 322 -0.31 -18.95 -8.35
CA SER B 322 0.89 -18.73 -7.54
C SER B 322 1.68 -20.03 -7.37
N SER B 323 1.75 -20.83 -8.43
CA SER B 323 2.48 -22.09 -8.36
C SER B 323 1.99 -22.94 -7.20
N VAL B 324 2.89 -23.70 -6.58
CA VAL B 324 2.53 -24.58 -5.45
C VAL B 324 1.87 -23.84 -4.28
N TYR B 325 2.10 -22.53 -4.18
CA TYR B 325 1.52 -21.78 -3.08
C TYR B 325 0.01 -21.69 -3.26
N SER B 326 -0.45 -21.69 -4.51
CA SER B 326 -1.87 -21.67 -4.74
C SER B 326 -2.39 -23.10 -4.80
N TYR B 327 -1.64 -24.02 -5.41
CA TYR B 327 -2.09 -25.41 -5.52
C TYR B 327 -2.45 -26.03 -4.17
N HIS B 328 -1.56 -25.91 -3.19
CA HIS B 328 -1.80 -26.47 -1.86
C HIS B 328 -3.00 -25.87 -1.18
N PHE B 329 -3.24 -24.59 -1.42
CA PHE B 329 -4.35 -23.90 -0.81
C PHE B 329 -5.69 -24.25 -1.45
N VAL B 330 -5.81 -24.03 -2.75
CA VAL B 330 -7.06 -24.28 -3.45
C VAL B 330 -7.55 -25.72 -3.37
N ALA B 331 -6.63 -26.66 -3.21
CA ALA B 331 -7.03 -28.07 -3.11
C ALA B 331 -7.95 -28.32 -1.92
N THR B 332 -7.85 -27.47 -0.90
CA THR B 332 -8.62 -27.61 0.33
C THR B 332 -9.90 -26.78 0.42
N ARG B 333 -10.17 -26.00 -0.62
CA ARG B 333 -11.33 -25.11 -0.61
C ARG B 333 -12.53 -25.50 -1.46
N GLN B 334 -13.69 -25.60 -0.83
CA GLN B 334 -14.91 -25.95 -1.53
C GLN B 334 -15.23 -24.85 -2.55
N ASN B 335 -14.90 -23.60 -2.21
CA ASN B 335 -15.18 -22.46 -3.07
C ASN B 335 -14.21 -22.23 -4.22
N SER B 336 -13.28 -23.16 -4.44
CA SER B 336 -12.30 -22.99 -5.51
C SER B 336 -12.28 -24.27 -6.36
N PRO B 337 -13.32 -24.47 -7.18
CA PRO B 337 -13.48 -25.63 -8.04
C PRO B 337 -12.49 -25.79 -9.20
N PHE B 338 -11.85 -24.70 -9.60
CA PHE B 338 -10.86 -24.77 -10.67
C PHE B 338 -9.79 -23.74 -10.38
N ALA B 339 -8.62 -23.90 -11.01
CA ALA B 339 -7.49 -23.00 -10.77
C ALA B 339 -6.87 -22.41 -12.01
N GLU B 340 -6.11 -21.34 -11.80
CA GLU B 340 -5.42 -20.68 -12.89
C GLU B 340 -4.02 -21.21 -13.06
N PHE B 341 -3.63 -21.42 -14.31
CA PHE B 341 -2.27 -21.85 -14.62
C PHE B 341 -1.77 -20.85 -15.65
N LEU B 342 -0.79 -20.04 -15.28
CA LEU B 342 -0.22 -19.06 -16.19
C LEU B 342 0.77 -19.75 -17.11
N MSE B 343 0.65 -19.51 -18.41
CA MSE B 343 1.54 -20.12 -19.40
C MSE B 343 2.78 -19.23 -19.50
O MSE B 343 2.75 -18.21 -20.17
CB MSE B 343 0.85 -20.21 -20.76
CG MSE B 343 -0.38 -21.11 -20.78
SE MSE B 343 0.06 -22.97 -20.48
CE MSE B 343 0.75 -23.37 -22.24
N MSE B 344 3.85 -19.63 -18.83
CA MSE B 344 5.06 -18.83 -18.85
C MSE B 344 6.00 -19.11 -20.02
O MSE B 344 7.09 -18.54 -20.09
CB MSE B 344 5.78 -18.98 -17.51
CG MSE B 344 4.96 -18.47 -16.33
SE MSE B 344 4.16 -16.71 -16.60
CE MSE B 344 5.77 -15.71 -16.93
N ALA B 345 5.59 -19.98 -20.93
CA ALA B 345 6.38 -20.27 -22.11
C ALA B 345 6.18 -19.03 -22.99
N PRO B 346 7.26 -18.48 -23.57
CA PRO B 346 7.19 -17.29 -24.42
C PRO B 346 6.07 -17.25 -25.47
N LYS B 347 5.81 -18.38 -26.13
CA LYS B 347 4.78 -18.43 -27.15
C LYS B 347 3.53 -19.19 -26.68
N ALA B 348 3.47 -19.47 -25.39
CA ALA B 348 2.35 -20.17 -24.78
C ALA B 348 1.97 -21.42 -25.56
N ASP B 349 2.98 -22.12 -26.06
CA ASP B 349 2.78 -23.33 -26.86
C ASP B 349 3.26 -24.61 -26.19
N GLN B 350 3.50 -24.55 -24.90
CA GLN B 350 3.94 -25.73 -24.16
C GLN B 350 3.90 -25.43 -22.68
N VAL B 351 3.70 -26.47 -21.89
CA VAL B 351 3.63 -26.32 -20.45
C VAL B 351 5.00 -26.38 -19.79
N VAL B 352 5.30 -25.35 -18.99
CA VAL B 352 6.55 -25.28 -18.24
C VAL B 352 6.17 -24.85 -16.83
N PRO B 353 7.02 -25.15 -15.83
CA PRO B 353 6.71 -24.75 -14.46
C PRO B 353 6.42 -23.26 -14.38
N MSE B 354 5.34 -22.91 -13.69
CA MSE B 354 4.92 -21.52 -13.56
C MSE B 354 5.96 -20.60 -12.94
O MSE B 354 6.08 -19.44 -13.33
CB MSE B 354 3.63 -21.44 -12.74
CG MSE B 354 2.81 -20.21 -13.04
SE MSE B 354 1.32 -20.06 -11.85
CE MSE B 354 2.14 -18.91 -10.57
N PHE B 355 6.71 -21.11 -11.97
CA PHE B 355 7.74 -20.31 -11.33
C PHE B 355 9.14 -20.69 -11.80
N HIS B 356 9.21 -21.26 -12.99
CA HIS B 356 10.48 -21.65 -13.58
C HIS B 356 11.33 -20.38 -13.65
N PRO B 357 12.64 -20.48 -13.40
CA PRO B 357 13.43 -21.67 -13.05
C PRO B 357 13.82 -21.73 -11.57
N GLN B 358 13.11 -20.99 -10.73
CA GLN B 358 13.43 -20.93 -9.32
C GLN B 358 13.13 -22.14 -8.44
N LEU B 359 12.07 -22.87 -8.76
CA LEU B 359 11.66 -24.01 -7.94
C LEU B 359 11.94 -25.39 -8.51
N LEU B 360 12.66 -26.21 -7.75
CA LEU B 360 12.95 -27.57 -8.16
C LEU B 360 11.85 -28.44 -7.53
N GLY B 361 11.34 -29.38 -8.31
CA GLY B 361 10.29 -30.25 -7.80
C GLY B 361 8.90 -29.65 -8.02
N GLU B 362 8.83 -28.58 -8.80
CA GLU B 362 7.55 -27.92 -9.06
C GLU B 362 6.69 -28.70 -10.05
N PRO B 363 5.51 -29.15 -9.60
CA PRO B 363 4.61 -29.91 -10.47
C PRO B 363 3.90 -29.00 -11.48
N VAL B 364 3.49 -29.57 -12.60
CA VAL B 364 2.79 -28.82 -13.63
C VAL B 364 1.60 -29.66 -14.08
N PRO B 365 0.55 -29.01 -14.59
CA PRO B 365 -0.62 -29.75 -15.06
C PRO B 365 -0.25 -30.76 -16.15
N GLU B 366 -0.93 -31.90 -16.12
CA GLU B 366 -0.75 -32.95 -17.12
C GLU B 366 -2.12 -33.10 -17.75
N ASN B 367 -2.22 -32.76 -19.03
CA ASN B 367 -3.48 -32.80 -19.74
C ASN B 367 -4.51 -31.94 -19.01
N GLY B 368 -4.03 -30.83 -18.46
CA GLY B 368 -4.89 -29.89 -17.77
C GLY B 368 -5.29 -30.20 -16.34
N ARG B 369 -4.74 -31.26 -15.77
CA ARG B 369 -5.08 -31.65 -14.40
C ARG B 369 -3.85 -31.90 -13.55
N MSE B 370 -4.04 -31.95 -12.24
CA MSE B 370 -2.95 -32.20 -11.29
C MSE B 370 -3.47 -33.03 -10.14
O MSE B 370 -4.27 -32.57 -9.33
CB MSE B 370 -2.37 -30.89 -10.76
CG MSE B 370 -1.18 -31.11 -9.83
SE MSE B 370 -0.41 -29.47 -9.15
CE MSE B 370 0.35 -28.82 -10.79
N ARG B 371 -3.01 -34.29 -10.06
CA ARG B 371 -3.44 -35.18 -8.99
C ARG B 371 -2.92 -34.68 -7.66
N LEU B 372 -3.77 -34.73 -6.63
CA LEU B 372 -3.36 -34.30 -5.29
C LEU B 372 -2.20 -35.16 -4.81
N SER B 373 -2.11 -36.38 -5.34
CA SER B 373 -1.04 -37.28 -4.94
C SER B 373 0.34 -36.73 -5.30
N ARG B 374 0.39 -35.77 -6.21
CA ARG B 374 1.66 -35.15 -6.61
C ARG B 374 2.15 -34.13 -5.59
N LEU B 375 1.24 -33.68 -4.73
CA LEU B 375 1.57 -32.71 -3.69
C LEU B 375 1.70 -33.48 -2.38
N ASP B 376 2.56 -34.49 -2.39
CA ASP B 376 2.75 -35.33 -1.21
C ASP B 376 4.00 -35.03 -0.37
N GLN B 377 4.82 -34.08 -0.80
CA GLN B 377 6.03 -33.75 -0.05
C GLN B 377 5.75 -32.70 1.03
N PRO B 378 6.59 -32.67 2.08
CA PRO B 378 6.44 -31.71 3.18
C PRO B 378 6.47 -30.24 2.76
N GLY B 379 5.69 -29.42 3.45
CA GLY B 379 5.64 -28.00 3.12
C GLY B 379 4.99 -27.82 1.76
N PHE B 380 5.55 -26.93 0.95
CA PHE B 380 5.00 -26.69 -0.39
C PHE B 380 5.67 -27.63 -1.40
N GLY B 381 6.48 -28.56 -0.88
CA GLY B 381 7.13 -29.55 -1.71
C GLY B 381 8.20 -29.18 -2.73
N VAL B 382 8.75 -27.98 -2.63
CA VAL B 382 9.76 -27.56 -3.59
C VAL B 382 11.04 -27.15 -2.89
N THR B 383 12.12 -27.07 -3.67
CA THR B 383 13.42 -26.68 -3.17
C THR B 383 13.95 -25.55 -4.05
N LEU B 384 14.78 -24.69 -3.49
CA LEU B 384 15.34 -23.59 -4.24
C LEU B 384 16.39 -24.13 -5.22
N ASN B 385 16.29 -23.71 -6.47
CA ASN B 385 17.24 -24.15 -7.50
C ASN B 385 18.62 -23.55 -7.25
N PRO B 386 19.63 -24.40 -7.01
CA PRO B 386 21.00 -23.94 -6.75
C PRO B 386 21.61 -23.13 -7.88
N GLU B 387 21.06 -23.26 -9.09
CA GLU B 387 21.57 -22.55 -10.25
C GLU B 387 21.22 -21.07 -10.23
N CYS B 388 20.19 -20.70 -9.47
CA CYS B 388 19.77 -19.30 -9.38
C CYS B 388 20.67 -18.56 -8.40
N GLN B 389 21.49 -17.66 -8.92
CA GLN B 389 22.40 -16.88 -8.09
C GLN B 389 21.65 -15.99 -7.10
N LEU B 390 21.76 -16.33 -5.81
CA LEU B 390 21.09 -15.56 -4.76
C LEU B 390 21.94 -14.36 -4.36
N HIS B 391 21.28 -13.30 -3.92
CA HIS B 391 21.96 -12.10 -3.48
C HIS B 391 21.31 -11.63 -2.18
N ARG B 392 22.13 -11.45 -1.14
CA ARG B 392 21.61 -10.98 0.13
C ARG B 392 22.10 -9.56 0.33
N PRO B 393 21.27 -8.58 -0.03
CA PRO B 393 21.63 -7.16 0.10
C PRO B 393 21.72 -6.64 1.53
N TYR B 394 21.03 -7.29 2.46
CA TYR B 394 21.02 -6.83 3.85
C TYR B 394 21.19 -7.95 4.88
N THR B 395 21.59 -7.55 6.07
CA THR B 395 21.74 -8.46 7.20
C THR B 395 21.15 -7.70 8.38
N HIS B 396 21.05 -8.34 9.54
CA HIS B 396 20.50 -7.66 10.71
C HIS B 396 21.06 -8.20 12.01
O1 TLA C . -1.36 13.40 14.32
O11 TLA C . 0.62 14.36 14.70
C1 TLA C . -0.13 13.36 14.58
C2 TLA C . 0.50 11.99 14.74
O2 TLA C . -0.48 10.94 14.68
C3 TLA C . 1.29 11.93 16.08
O3 TLA C . 0.38 12.02 17.18
C4 TLA C . 2.14 10.63 16.18
O4 TLA C . 2.04 9.95 17.21
O41 TLA C . 2.87 10.35 15.19
MG MG D . -2.48 11.68 14.36
O1 TLA E . -4.56 -13.03 -14.18
O11 TLA E . -2.75 -14.21 -14.75
C1 TLA E . -3.36 -13.13 -14.56
C2 TLA E . -2.58 -11.83 -14.79
O2 TLA E . -3.39 -10.66 -14.59
C3 TLA E . -1.97 -11.83 -16.23
O3 TLA E . -3.04 -11.75 -17.19
C4 TLA E . -1.00 -10.65 -16.42
O4 TLA E . -1.27 -9.80 -17.30
O41 TLA E . 0.01 -10.62 -15.67
MG MG F . -5.45 -11.15 -14.16
#